data_6OHG
#
_entry.id   6OHG
#
_cell.length_a   79.954
_cell.length_b   191.334
_cell.length_c   41.198
_cell.angle_alpha   90.000
_cell.angle_beta   90.000
_cell.angle_gamma   90.000
#
_symmetry.space_group_name_H-M   'P 21 21 2'
#
loop_
_entity.id
_entity.type
_entity.pdbx_description
1 polymer 'Gametocyte surface protein P230'
2 polymer '4F12 Light Chain'
3 polymer '4F12 Heavy chain'
4 non-polymer 'ACETIC ACID'
5 non-polymer 1,2-ETHANEDIOL
6 non-polymer 1,3-PROPANDIOL
7 non-polymer METHANOL
8 non-polymer GLYCEROL
9 water water
#
loop_
_entity_poly.entity_id
_entity_poly.type
_entity_poly.pdbx_seq_one_letter_code
_entity_poly.pdbx_strand_id
1 'polypeptide(L)'
;SVLQSGALPSVGVDELDKIDLSYETTESGDTAVSEDSYDKYASQNTNKEYVCDFTDQLKPTESGPKVKKCEVKVNEPLIK
VKIICPLKGSVEKLYDNIEYVPKKSPYVVLTKEETKLKEKLLSKLIYGLLISPTVNEKENNFKEGVIEFTLPPVVHKATV
FYFICDNSKTEDDNKKGNRGIVEVYVEPYGNKING
;
A
2 'polypeptide(L)'
;DILLTQSPAILSVSPGERVSFSCRASQSIGTSIHWYQQKTQGSPRLLIKYSSESISGIPSRFSGSGAGTDFTLSINSVES
EDIAVFYCQQSYTWPIFTFGSGTKLEIKRADAAPTVSIFPPSSEQLTSGGASVVCFLNNFYPKDINVKWKIDGSERQNGV
LNSWTDQDSKDSTYSMSSTLTLTKDEYERHNSYTCEATHKTSTSPIVKSFNRNEC
;
B
3 'polypeptide(L)'
;QVQLQQPGAELVKPGASVQLSCKASGYTFTSYWMHWVKQRPGQGLEWIGMIHPTNDKTNFNEKLKSKVTLTVDKSSTTAY
MQLSSLTSEDAAVYYCARSLSAYWYFDVWGTGTTVTVSSASTKPPSVYPLAPGSAAQTNSMVTLGCLVKGYFPEPVTVTW
NSGSLSSGVHTFPAVLQSDLYTLSSSVTVPSSTWPSETVTCNVAHPASSTKVDKKIVPRDCGLEVLFQ
;
C
#
loop_
_chem_comp.id
_chem_comp.type
_chem_comp.name
_chem_comp.formula
ACY non-polymer 'ACETIC ACID' 'C2 H4 O2'
EDO non-polymer 1,2-ETHANEDIOL 'C2 H6 O2'
GOL non-polymer GLYCEROL 'C3 H8 O3'
MOH non-polymer METHANOL 'C H4 O'
PDO non-polymer 1,3-PROPANDIOL 'C3 H8 O2'
#
# COMPACT_ATOMS: atom_id res chain seq x y z
N ASP A 20 -4.38 -36.08 -46.03
CA ASP A 20 -4.57 -36.59 -44.67
C ASP A 20 -5.61 -35.79 -43.90
N LEU A 21 -5.36 -35.58 -42.62
CA LEU A 21 -6.29 -34.83 -41.77
C LEU A 21 -5.68 -34.69 -40.39
N SER A 22 -6.02 -33.57 -39.73
CA SER A 22 -5.54 -33.28 -38.38
C SER A 22 -6.61 -32.61 -37.54
N TYR A 23 -7.88 -32.94 -37.78
CA TYR A 23 -8.98 -32.34 -37.03
C TYR A 23 -9.70 -31.30 -37.88
N GLU A 24 -10.87 -30.85 -37.42
N GLU A 24 -10.90 -30.91 -37.44
CA GLU A 24 -11.67 -29.90 -38.19
CA GLU A 24 -11.71 -29.92 -38.15
C GLU A 24 -12.78 -29.35 -37.26
C GLU A 24 -12.78 -29.38 -37.23
N THR A 25 -12.48 -28.27 -36.56
CA THR A 25 -13.42 -27.61 -35.66
C THR A 25 -13.66 -26.18 -36.14
N THR A 26 -14.45 -25.45 -35.34
CA THR A 26 -14.76 -24.06 -35.67
C THR A 26 -15.10 -23.31 -34.38
N GLU A 27 -14.33 -22.26 -34.09
CA GLU A 27 -14.56 -21.41 -32.93
C GLU A 27 -14.60 -19.96 -33.39
N SER A 28 -14.76 -19.05 -32.42
CA SER A 28 -14.66 -17.63 -32.68
C SER A 28 -13.70 -17.03 -31.66
N GLY A 29 -13.57 -15.70 -31.66
CA GLY A 29 -12.81 -15.05 -30.60
C GLY A 29 -13.44 -15.19 -29.23
N ASP A 30 -14.75 -15.42 -29.18
CA ASP A 30 -15.45 -15.55 -27.91
C ASP A 30 -16.11 -16.92 -27.77
N THR A 31 -17.44 -16.96 -27.83
CA THR A 31 -18.18 -18.14 -27.39
C THR A 31 -18.84 -17.79 -26.07
N ALA A 32 -18.68 -16.53 -25.66
CA ALA A 32 -19.38 -15.99 -24.49
C ALA A 32 -19.92 -14.62 -24.84
N VAL A 33 -19.47 -13.58 -24.12
CA VAL A 33 -19.86 -12.22 -24.41
C VAL A 33 -18.61 -11.37 -24.62
N SER A 34 -18.85 -10.10 -25.00
CA SER A 34 -17.77 -9.14 -25.17
C SER A 34 -17.14 -9.27 -26.55
N GLU A 35 -16.73 -8.15 -27.13
CA GLU A 35 -16.07 -8.15 -28.43
C GLU A 35 -15.05 -7.02 -28.51
N ASP A 36 -15.35 -5.88 -27.90
CA ASP A 36 -14.44 -4.75 -27.85
C ASP A 36 -14.02 -4.39 -26.44
N SER A 37 -14.55 -5.08 -25.43
CA SER A 37 -14.10 -4.95 -24.05
C SER A 37 -12.95 -5.90 -23.74
N TYR A 38 -12.26 -6.39 -24.76
CA TYR A 38 -11.20 -7.38 -24.58
C TYR A 38 -9.95 -6.72 -24.02
N ASP A 39 -9.42 -7.28 -22.94
CA ASP A 39 -8.15 -6.85 -22.38
C ASP A 39 -7.03 -7.36 -23.27
N LYS A 40 -6.49 -6.49 -24.11
CA LYS A 40 -5.49 -6.85 -25.09
C LYS A 40 -4.12 -6.34 -24.64
N TYR A 41 -3.14 -7.24 -24.57
CA TYR A 41 -1.80 -6.89 -24.12
C TYR A 41 -0.77 -7.62 -24.96
N ALA A 42 0.45 -7.07 -24.96
CA ALA A 42 1.53 -7.67 -25.71
C ALA A 42 2.17 -8.80 -24.92
N SER A 43 2.81 -9.72 -25.64
CA SER A 43 3.58 -10.76 -25.00
C SER A 43 4.78 -10.16 -24.27
N GLN A 44 5.33 -10.93 -23.34
CA GLN A 44 6.48 -10.50 -22.56
C GLN A 44 7.74 -11.03 -23.26
N ASN A 45 8.48 -10.12 -23.89
CA ASN A 45 9.57 -10.48 -24.78
C ASN A 45 10.90 -10.29 -24.06
N THR A 46 11.66 -11.38 -23.92
CA THR A 46 12.96 -11.35 -23.26
C THR A 46 13.99 -11.93 -24.24
N ASN A 47 14.79 -11.05 -24.83
CA ASN A 47 15.76 -11.46 -25.84
C ASN A 47 15.02 -12.02 -27.06
N LYS A 48 15.21 -13.31 -27.33
CA LYS A 48 14.55 -13.98 -28.45
C LYS A 48 13.41 -14.89 -27.99
N GLU A 49 12.90 -14.68 -26.78
CA GLU A 49 11.78 -15.46 -26.26
C GLU A 49 10.58 -14.55 -26.06
N TYR A 50 9.51 -14.82 -26.78
CA TYR A 50 8.26 -14.08 -26.66
C TYR A 50 7.25 -14.96 -25.95
N VAL A 51 6.79 -14.51 -24.78
CA VAL A 51 6.06 -15.36 -23.85
C VAL A 51 4.67 -14.78 -23.61
N CYS A 52 3.65 -15.62 -23.75
CA CYS A 52 2.31 -15.35 -23.25
C CYS A 52 2.08 -16.30 -22.08
N ASP A 53 2.03 -15.75 -20.87
CA ASP A 53 1.84 -16.52 -19.65
C ASP A 53 0.44 -16.25 -19.13
N PHE A 54 -0.39 -17.29 -19.10
CA PHE A 54 -1.77 -17.19 -18.64
C PHE A 54 -1.94 -17.69 -17.21
N THR A 55 -0.85 -17.94 -16.48
CA THR A 55 -0.97 -18.46 -15.13
C THR A 55 -1.47 -17.43 -14.11
N ASP A 56 -1.66 -16.18 -14.52
CA ASP A 56 -2.18 -15.15 -13.61
C ASP A 56 -3.23 -14.27 -14.28
N GLN A 57 -3.78 -14.72 -15.42
CA GLN A 57 -4.77 -13.93 -16.15
C GLN A 57 -6.15 -14.58 -16.20
N LEU A 58 -6.27 -15.87 -15.87
CA LEU A 58 -7.51 -16.60 -16.14
C LEU A 58 -8.23 -17.06 -14.88
N LYS A 59 -7.87 -16.55 -13.71
CA LYS A 59 -8.51 -17.00 -12.49
C LYS A 59 -9.94 -16.47 -12.41
N PRO A 60 -10.85 -17.24 -11.81
CA PRO A 60 -12.26 -16.82 -11.73
C PRO A 60 -12.42 -15.48 -11.05
N THR A 61 -13.26 -14.63 -11.64
CA THR A 61 -13.41 -13.26 -11.18
C THR A 61 -14.88 -12.85 -11.25
N GLU A 62 -15.24 -11.86 -10.43
CA GLU A 62 -16.65 -11.51 -10.24
C GLU A 62 -17.29 -11.01 -11.53
N SER A 63 -16.54 -10.27 -12.35
CA SER A 63 -17.10 -9.67 -13.56
C SER A 63 -17.16 -10.69 -14.70
N GLY A 64 -17.83 -11.81 -14.43
CA GLY A 64 -18.10 -12.83 -15.42
C GLY A 64 -16.85 -13.32 -16.12
N PRO A 65 -17.01 -13.77 -17.36
CA PRO A 65 -15.85 -14.19 -18.15
C PRO A 65 -15.21 -13.04 -18.93
N LYS A 66 -14.00 -12.67 -18.53
CA LYS A 66 -13.23 -11.71 -19.31
C LYS A 66 -12.47 -12.43 -20.41
N VAL A 67 -12.03 -11.67 -21.40
CA VAL A 67 -11.22 -12.18 -22.50
C VAL A 67 -9.87 -11.49 -22.46
N LYS A 68 -8.82 -12.26 -22.20
CA LYS A 68 -7.45 -11.76 -22.16
C LYS A 68 -6.76 -12.15 -23.46
N LYS A 69 -6.44 -11.15 -24.28
CA LYS A 69 -5.86 -11.38 -25.60
C LYS A 69 -4.39 -10.97 -25.57
N CYS A 70 -3.50 -11.96 -25.65
CA CYS A 70 -2.06 -11.74 -25.65
C CYS A 70 -1.58 -11.71 -27.10
N GLU A 71 -1.04 -10.57 -27.53
CA GLU A 71 -0.63 -10.35 -28.91
C GLU A 71 0.87 -10.55 -29.03
N VAL A 72 1.27 -11.49 -29.88
CA VAL A 72 2.68 -11.77 -30.17
C VAL A 72 2.98 -11.19 -31.55
N LYS A 73 3.91 -10.24 -31.62
CA LYS A 73 4.31 -9.62 -32.88
C LYS A 73 5.76 -9.99 -33.16
N VAL A 74 5.97 -10.79 -34.20
CA VAL A 74 7.29 -11.30 -34.56
C VAL A 74 7.80 -10.51 -35.76
N ASN A 75 8.90 -9.78 -35.55
CA ASN A 75 9.47 -8.90 -36.56
C ASN A 75 10.95 -9.21 -36.80
N GLU A 76 11.43 -10.37 -36.35
CA GLU A 76 12.85 -10.67 -36.37
C GLU A 76 13.04 -12.18 -36.49
N PRO A 77 14.16 -12.63 -37.05
CA PRO A 77 14.35 -14.07 -37.28
C PRO A 77 14.54 -14.84 -35.99
N LEU A 78 14.14 -16.12 -36.04
CA LEU A 78 14.43 -17.09 -34.99
C LEU A 78 13.97 -16.62 -33.61
N ILE A 79 12.69 -16.26 -33.52
CA ILE A 79 12.06 -15.91 -32.25
C ILE A 79 11.38 -17.13 -31.68
N LYS A 80 11.70 -17.47 -30.44
CA LYS A 80 11.01 -18.55 -29.72
C LYS A 80 9.72 -18.00 -29.15
N VAL A 81 8.58 -18.49 -29.63
CA VAL A 81 7.29 -18.13 -29.06
C VAL A 81 6.92 -19.21 -28.05
N LYS A 82 6.75 -18.80 -26.79
CA LYS A 82 6.42 -19.70 -25.70
C LYS A 82 5.07 -19.30 -25.15
N ILE A 83 4.23 -20.29 -24.85
CA ILE A 83 2.88 -20.04 -24.35
C ILE A 83 2.63 -20.93 -23.14
N ILE A 84 2.25 -20.32 -22.03
CA ILE A 84 2.04 -21.01 -20.77
C ILE A 84 0.56 -20.96 -20.44
N CYS A 85 -0.06 -22.14 -20.30
CA CYS A 85 -1.46 -22.25 -19.96
C CYS A 85 -1.59 -22.97 -18.63
N PRO A 86 -2.29 -22.39 -17.66
CA PRO A 86 -2.41 -23.04 -16.34
C PRO A 86 -3.10 -24.40 -16.47
N LEU A 87 -2.47 -25.41 -15.88
CA LEU A 87 -2.97 -26.77 -15.99
C LEU A 87 -4.20 -26.97 -15.12
N LYS A 88 -5.14 -27.78 -15.62
CA LYS A 88 -6.34 -28.11 -14.86
C LYS A 88 -5.95 -28.87 -13.60
N GLY A 89 -6.33 -28.32 -12.44
CA GLY A 89 -5.99 -28.92 -11.17
C GLY A 89 -4.63 -28.52 -10.62
N SER A 90 -3.87 -27.68 -11.34
CA SER A 90 -2.58 -27.22 -10.82
C SER A 90 -2.76 -26.47 -9.50
N VAL A 91 -3.84 -25.70 -9.39
CA VAL A 91 -4.31 -25.19 -8.11
C VAL A 91 -5.76 -25.62 -7.96
N GLU A 92 -6.19 -25.80 -6.71
CA GLU A 92 -7.52 -26.31 -6.44
C GLU A 92 -8.58 -25.35 -6.97
N LYS A 93 -9.49 -25.88 -7.78
CA LYS A 93 -10.72 -25.16 -8.13
C LYS A 93 -10.56 -24.17 -9.29
N LEU A 94 -9.49 -23.37 -9.26
CA LEU A 94 -9.41 -22.21 -10.15
C LEU A 94 -9.38 -22.59 -11.63
N TYR A 95 -8.97 -23.81 -11.97
CA TYR A 95 -8.88 -24.24 -13.37
C TYR A 95 -9.67 -25.53 -13.58
N ASP A 96 -10.86 -25.61 -12.99
CA ASP A 96 -11.63 -26.86 -13.03
C ASP A 96 -12.04 -27.22 -14.45
N ASN A 97 -12.56 -26.25 -15.20
CA ASN A 97 -13.01 -26.53 -16.57
C ASN A 97 -12.19 -25.75 -17.58
N ILE A 98 -10.87 -25.92 -17.54
CA ILE A 98 -9.97 -25.24 -18.46
C ILE A 98 -9.71 -26.15 -19.64
N GLU A 99 -9.92 -25.61 -20.84
CA GLU A 99 -9.62 -26.33 -22.07
C GLU A 99 -8.98 -25.36 -23.05
N TYR A 100 -8.12 -25.90 -23.91
CA TYR A 100 -7.44 -25.10 -24.92
C TYR A 100 -8.09 -25.31 -26.29
N VAL A 101 -7.66 -24.49 -27.24
CA VAL A 101 -8.28 -24.43 -28.56
C VAL A 101 -7.81 -25.61 -29.39
N PRO A 102 -6.63 -25.57 -29.98
CA PRO A 102 -6.12 -26.73 -30.71
C PRO A 102 -5.41 -27.72 -29.79
N LYS A 103 -5.92 -28.94 -29.71
CA LYS A 103 -5.34 -29.93 -28.81
C LYS A 103 -3.89 -30.23 -29.16
N LYS A 104 -3.58 -30.28 -30.45
CA LYS A 104 -2.21 -30.40 -30.93
C LYS A 104 -1.63 -28.99 -31.15
N SER A 105 -1.58 -28.23 -30.05
CA SER A 105 -1.34 -26.79 -30.15
C SER A 105 -0.06 -26.38 -30.87
N PRO A 106 1.10 -27.00 -30.63
CA PRO A 106 2.28 -26.60 -31.42
C PRO A 106 2.10 -26.85 -32.91
N TYR A 107 1.72 -28.07 -33.30
CA TYR A 107 1.64 -28.42 -34.71
C TYR A 107 0.35 -27.96 -35.37
N VAL A 108 -0.71 -27.71 -34.61
CA VAL A 108 -2.00 -27.31 -35.15
C VAL A 108 -2.40 -25.98 -34.51
N VAL A 109 -2.80 -25.02 -35.33
CA VAL A 109 -3.15 -23.68 -34.90
C VAL A 109 -4.55 -23.36 -35.40
N LEU A 110 -4.99 -22.12 -35.14
CA LEU A 110 -6.28 -21.62 -35.58
C LEU A 110 -6.06 -20.42 -36.49
N THR A 111 -6.89 -20.30 -37.52
CA THR A 111 -6.75 -19.25 -38.51
C THR A 111 -8.10 -18.59 -38.74
N LYS A 112 -8.09 -17.27 -38.90
CA LYS A 112 -9.32 -16.52 -39.16
C LYS A 112 -9.84 -16.84 -40.56
N GLU A 113 -11.13 -17.20 -40.63
CA GLU A 113 -11.85 -17.36 -41.89
C GLU A 113 -13.13 -16.55 -41.73
N GLU A 114 -13.07 -15.27 -42.16
CA GLU A 114 -14.14 -14.31 -41.95
C GLU A 114 -14.36 -14.04 -40.47
N THR A 115 -15.35 -14.72 -39.86
CA THR A 115 -15.63 -14.56 -38.44
C THR A 115 -15.27 -15.77 -37.61
N LYS A 116 -14.85 -16.87 -38.22
CA LYS A 116 -14.60 -18.11 -37.52
C LYS A 116 -13.11 -18.42 -37.51
N LEU A 117 -12.71 -19.23 -36.52
CA LEU A 117 -11.36 -19.75 -36.43
C LEU A 117 -11.43 -21.26 -36.63
N LYS A 118 -10.65 -21.75 -37.58
CA LYS A 118 -10.60 -23.17 -37.92
C LYS A 118 -9.16 -23.66 -37.82
N GLU A 119 -9.01 -24.98 -37.74
CA GLU A 119 -7.71 -25.59 -37.50
C GLU A 119 -6.90 -25.70 -38.78
N LYS A 120 -5.58 -25.65 -38.63
CA LYS A 120 -4.66 -25.69 -39.75
C LYS A 120 -3.28 -26.08 -39.23
N LEU A 121 -2.54 -26.84 -40.05
CA LEU A 121 -1.20 -27.26 -39.66
C LEU A 121 -0.23 -26.08 -39.73
N LEU A 122 0.59 -25.93 -38.69
CA LEU A 122 1.47 -24.77 -38.63
C LEU A 122 2.62 -24.90 -39.62
N SER A 123 3.12 -26.11 -39.83
CA SER A 123 4.25 -26.31 -40.74
C SER A 123 3.88 -25.98 -42.18
N LYS A 124 2.62 -26.18 -42.55
CA LYS A 124 2.14 -25.77 -43.87
C LYS A 124 1.85 -24.27 -43.95
N LEU A 125 1.66 -23.61 -42.81
CA LEU A 125 1.37 -22.18 -42.80
C LEU A 125 2.64 -21.36 -42.92
N ILE A 126 3.72 -21.78 -42.26
CA ILE A 126 5.00 -21.10 -42.30
C ILE A 126 6.06 -22.14 -42.64
N TYR A 127 6.79 -21.92 -43.72
CA TYR A 127 7.80 -22.88 -44.16
C TYR A 127 9.08 -22.70 -43.36
N GLY A 128 9.55 -23.80 -42.77
CA GLY A 128 10.73 -23.76 -41.93
C GLY A 128 10.46 -23.70 -40.43
N LEU A 129 9.27 -24.10 -39.99
CA LEU A 129 8.92 -24.04 -38.57
C LEU A 129 9.65 -25.15 -37.83
N LEU A 130 10.41 -24.77 -36.80
CA LEU A 130 11.21 -25.72 -36.01
C LEU A 130 10.45 -26.04 -34.73
N ILE A 131 9.63 -27.08 -34.80
CA ILE A 131 8.85 -27.54 -33.65
C ILE A 131 9.66 -28.62 -32.96
N SER A 132 10.27 -28.29 -31.84
CA SER A 132 10.96 -29.31 -31.06
C SER A 132 9.94 -30.20 -30.38
N PRO A 133 10.05 -31.52 -30.51
CA PRO A 133 9.07 -32.40 -29.84
C PRO A 133 9.18 -32.39 -28.33
N THR A 134 10.35 -32.07 -27.78
CA THR A 134 10.56 -31.99 -26.34
C THR A 134 10.82 -30.52 -26.00
N VAL A 135 9.83 -29.88 -25.37
CA VAL A 135 9.97 -28.48 -25.00
C VAL A 135 11.18 -28.28 -24.11
N ASN A 136 11.22 -28.99 -22.99
CA ASN A 136 12.37 -28.98 -22.09
C ASN A 136 12.26 -30.10 -21.08
N GLU A 137 12.29 -31.34 -21.56
CA GLU A 137 12.17 -32.50 -20.70
C GLU A 137 10.71 -32.90 -20.56
N LYS A 138 9.83 -32.22 -21.28
CA LYS A 138 8.41 -32.51 -21.27
C LYS A 138 7.89 -32.54 -22.71
N GLU A 139 6.65 -32.99 -22.85
CA GLU A 139 6.03 -33.11 -24.18
C GLU A 139 5.50 -31.76 -24.63
N ASN A 140 5.92 -31.33 -25.81
CA ASN A 140 5.46 -30.07 -26.38
C ASN A 140 3.97 -30.13 -26.66
N ASN A 141 3.15 -29.84 -25.64
CA ASN A 141 1.71 -29.93 -25.76
C ASN A 141 1.09 -29.20 -24.57
N PHE A 142 -0.08 -28.61 -24.79
CA PHE A 142 -0.79 -27.92 -23.71
C PHE A 142 -1.20 -28.85 -22.58
N LYS A 143 -1.11 -30.17 -22.78
CA LYS A 143 -1.32 -31.08 -21.66
C LYS A 143 -0.23 -30.94 -20.62
N GLU A 144 0.97 -30.50 -21.04
CA GLU A 144 2.09 -30.29 -20.14
C GLU A 144 2.20 -28.83 -19.68
N GLY A 145 1.22 -28.00 -20.04
CA GLY A 145 1.16 -26.64 -19.57
C GLY A 145 1.88 -25.61 -20.42
N VAL A 146 2.82 -26.03 -21.26
CA VAL A 146 3.64 -25.10 -22.04
C VAL A 146 3.83 -25.66 -23.44
N ILE A 147 3.63 -24.81 -24.44
CA ILE A 147 4.00 -25.11 -25.82
C ILE A 147 5.08 -24.12 -26.26
N GLU A 148 5.83 -24.51 -27.29
CA GLU A 148 6.90 -23.67 -27.82
C GLU A 148 7.11 -24.00 -29.28
N PHE A 149 7.58 -22.98 -30.02
CA PHE A 149 7.98 -23.15 -31.40
C PHE A 149 8.84 -21.95 -31.81
N THR A 150 9.83 -22.21 -32.66
CA THR A 150 10.75 -21.19 -33.13
C THR A 150 10.40 -20.83 -34.57
N LEU A 151 10.35 -19.53 -34.85
CA LEU A 151 10.03 -19.06 -36.19
C LEU A 151 11.25 -19.14 -37.11
N PRO A 152 11.02 -19.22 -38.42
CA PRO A 152 12.15 -19.41 -39.36
C PRO A 152 13.00 -18.16 -39.45
N PRO A 153 14.14 -18.24 -40.13
CA PRO A 153 14.96 -17.03 -40.33
C PRO A 153 14.37 -16.04 -41.33
N VAL A 154 13.48 -16.48 -42.22
CA VAL A 154 12.89 -15.60 -43.22
C VAL A 154 11.41 -15.89 -43.32
N VAL A 155 10.60 -14.84 -43.27
CA VAL A 155 9.16 -14.92 -43.54
C VAL A 155 8.85 -13.82 -44.55
N HIS A 156 8.10 -14.18 -45.59
CA HIS A 156 7.87 -13.28 -46.70
C HIS A 156 6.52 -12.57 -46.62
N LYS A 157 5.48 -13.27 -46.17
CA LYS A 157 4.15 -12.71 -46.06
C LYS A 157 3.70 -12.74 -44.61
N ALA A 158 3.03 -11.67 -44.19
CA ALA A 158 2.52 -11.61 -42.82
C ALA A 158 1.50 -12.72 -42.58
N THR A 159 1.69 -13.46 -41.49
CA THR A 159 0.85 -14.61 -41.17
C THR A 159 0.38 -14.49 -39.73
N VAL A 160 -0.93 -14.66 -39.52
CA VAL A 160 -1.54 -14.58 -38.21
C VAL A 160 -2.25 -15.89 -37.91
N PHE A 161 -1.94 -16.47 -36.75
CA PHE A 161 -2.62 -17.65 -36.25
C PHE A 161 -2.90 -17.46 -34.76
N TYR A 162 -3.77 -18.31 -34.22
CA TYR A 162 -4.35 -18.07 -32.90
C TYR A 162 -4.24 -19.29 -32.00
N PHE A 163 -4.26 -19.02 -30.70
CA PHE A 163 -4.40 -20.05 -29.67
C PHE A 163 -5.42 -19.56 -28.65
N ILE A 164 -6.06 -20.51 -27.98
CA ILE A 164 -7.10 -20.23 -27.00
C ILE A 164 -6.81 -21.01 -25.73
N CYS A 165 -6.80 -20.33 -24.59
CA CYS A 165 -6.79 -20.97 -23.26
C CYS A 165 -8.03 -20.48 -22.53
N ASP A 166 -9.05 -21.33 -22.49
CA ASP A 166 -10.39 -20.94 -22.05
C ASP A 166 -10.64 -21.48 -20.65
N ASN A 167 -10.81 -20.57 -19.69
CA ASN A 167 -11.22 -20.92 -18.33
C ASN A 167 -12.58 -20.35 -17.99
N SER A 168 -13.33 -19.87 -18.99
CA SER A 168 -14.64 -19.26 -18.76
C SER A 168 -15.66 -20.27 -18.25
N LYS A 169 -15.42 -21.57 -18.46
CA LYS A 169 -16.34 -22.57 -17.94
C LYS A 169 -16.15 -22.81 -16.44
N THR A 170 -14.93 -22.58 -15.94
CA THR A 170 -14.65 -22.80 -14.53
C THR A 170 -15.42 -21.79 -13.68
N GLU A 171 -16.15 -22.29 -12.69
CA GLU A 171 -16.93 -21.46 -11.78
C GLU A 171 -16.42 -21.70 -10.37
N ASP A 172 -15.97 -20.64 -9.71
CA ASP A 172 -15.44 -20.71 -8.35
C ASP A 172 -15.99 -19.52 -7.57
N ASP A 173 -16.86 -19.80 -6.61
CA ASP A 173 -17.47 -18.75 -5.79
C ASP A 173 -18.68 -18.15 -6.50
N ASN A 174 -18.74 -16.83 -6.57
CA ASN A 174 -19.80 -16.13 -7.31
C ASN A 174 -19.29 -15.49 -8.59
N LYS A 175 -18.05 -15.77 -8.98
CA LYS A 175 -17.44 -15.21 -10.18
C LYS A 175 -17.13 -16.33 -11.18
N LYS A 176 -16.65 -15.93 -12.35
CA LYS A 176 -16.38 -16.87 -13.44
C LYS A 176 -14.98 -16.62 -13.99
N GLY A 177 -14.40 -17.67 -14.54
CA GLY A 177 -13.07 -17.60 -15.12
C GLY A 177 -13.05 -16.85 -16.44
N ASN A 178 -11.83 -16.67 -16.96
CA ASN A 178 -11.61 -15.87 -18.16
C ASN A 178 -11.17 -16.74 -19.32
N ARG A 179 -11.40 -16.23 -20.53
CA ARG A 179 -10.95 -16.86 -21.76
C ARG A 179 -9.70 -16.15 -22.26
N GLY A 180 -8.64 -16.92 -22.51
CA GLY A 180 -7.37 -16.37 -22.96
C GLY A 180 -7.18 -16.60 -24.44
N ILE A 181 -6.66 -15.58 -25.12
CA ILE A 181 -6.41 -15.62 -26.55
C ILE A 181 -4.96 -15.24 -26.81
N VAL A 182 -4.27 -16.05 -27.61
CA VAL A 182 -2.97 -15.70 -28.16
C VAL A 182 -3.17 -15.39 -29.63
N GLU A 183 -2.75 -14.21 -30.06
CA GLU A 183 -2.69 -13.84 -31.46
C GLU A 183 -1.22 -13.69 -31.84
N VAL A 184 -0.72 -14.65 -32.62
CA VAL A 184 0.65 -14.61 -33.10
C VAL A 184 0.64 -13.99 -34.49
N TYR A 185 1.16 -12.77 -34.58
CA TYR A 185 1.26 -12.05 -35.85
C TYR A 185 2.72 -12.11 -36.28
N VAL A 186 3.00 -12.96 -37.27
CA VAL A 186 4.34 -13.08 -37.83
C VAL A 186 4.45 -12.09 -38.97
N GLU A 187 5.22 -11.02 -38.75
CA GLU A 187 5.42 -10.02 -39.78
C GLU A 187 6.48 -10.49 -40.77
N PRO A 188 6.47 -9.95 -41.99
CA PRO A 188 7.50 -10.30 -42.97
C PRO A 188 8.86 -9.79 -42.51
N TYR A 189 9.81 -10.70 -42.33
CA TYR A 189 11.17 -10.32 -41.97
C TYR A 189 12.20 -11.12 -42.76
N ASP B 1 13.70 -8.85 -14.87
CA ASP B 1 13.04 -8.24 -13.72
C ASP B 1 11.89 -7.33 -14.15
N ILE B 2 10.76 -7.46 -13.45
CA ILE B 2 9.63 -6.56 -13.66
C ILE B 2 9.75 -5.41 -12.68
N LEU B 3 9.70 -4.19 -13.20
CA LEU B 3 9.79 -2.99 -12.39
C LEU B 3 8.54 -2.15 -12.59
N LEU B 4 8.03 -1.60 -11.48
CA LEU B 4 6.86 -0.74 -11.51
C LEU B 4 7.30 0.71 -11.30
N THR B 5 6.65 1.63 -12.00
CA THR B 5 6.92 3.05 -11.87
C THR B 5 5.61 3.77 -11.66
N GLN B 6 5.51 4.51 -10.55
CA GLN B 6 4.37 5.37 -10.25
C GLN B 6 4.81 6.82 -10.37
N SER B 7 4.10 7.60 -11.19
CA SER B 7 4.39 9.01 -11.38
C SER B 7 3.09 9.78 -11.36
N PRO B 8 3.08 10.99 -10.76
CA PRO B 8 4.22 11.54 -10.02
C PRO B 8 4.21 11.08 -8.57
N ALA B 9 5.14 11.59 -7.76
CA ALA B 9 5.16 11.21 -6.35
C ALA B 9 4.01 11.85 -5.59
N ILE B 10 3.63 13.07 -5.95
CA ILE B 10 2.57 13.81 -5.29
C ILE B 10 1.57 14.29 -6.34
N LEU B 11 0.29 14.03 -6.09
CA LEU B 11 -0.78 14.43 -6.99
C LEU B 11 -1.78 15.26 -6.21
N SER B 12 -2.22 16.37 -6.79
CA SER B 12 -3.13 17.30 -6.13
C SER B 12 -4.31 17.59 -7.03
N VAL B 13 -5.52 17.47 -6.47
CA VAL B 13 -6.75 17.72 -7.22
C VAL B 13 -7.59 18.73 -6.46
N SER B 14 -8.90 18.74 -6.73
CA SER B 14 -9.85 19.60 -6.06
C SER B 14 -11.05 18.76 -5.62
N PRO B 15 -11.66 19.11 -4.48
CA PRO B 15 -12.77 18.27 -3.98
C PRO B 15 -13.93 18.13 -4.94
N GLY B 16 -13.86 17.12 -5.81
CA GLY B 16 -14.92 16.87 -6.77
C GLY B 16 -14.42 16.56 -8.16
N GLU B 17 -13.14 16.79 -8.42
CA GLU B 17 -12.55 16.56 -9.73
C GLU B 17 -12.22 15.08 -9.90
N ARG B 18 -11.66 14.75 -11.06
CA ARG B 18 -11.27 13.38 -11.39
C ARG B 18 -9.77 13.24 -11.19
N VAL B 19 -9.37 12.29 -10.35
CA VAL B 19 -7.96 11.99 -10.12
C VAL B 19 -7.65 10.65 -10.78
N SER B 20 -6.39 10.50 -11.18
CA SER B 20 -5.95 9.24 -11.79
C SER B 20 -4.46 9.06 -11.55
N PHE B 21 -4.11 7.90 -10.97
CA PHE B 21 -2.73 7.57 -10.66
C PHE B 21 -2.20 6.60 -11.70
N SER B 22 -0.95 6.80 -12.12
CA SER B 22 -0.34 5.99 -13.17
C SER B 22 0.57 4.95 -12.53
N CYS B 23 0.46 3.71 -13.02
CA CYS B 23 1.39 2.64 -12.66
C CYS B 23 1.86 2.00 -13.96
N ARG B 24 3.15 2.12 -14.26
CA ARG B 24 3.73 1.59 -15.48
C ARG B 24 4.66 0.43 -15.14
N ALA B 25 4.51 -0.68 -15.86
CA ALA B 25 5.38 -1.82 -15.73
C ALA B 25 6.45 -1.76 -16.81
N SER B 26 7.63 -2.31 -16.51
CA SER B 26 8.72 -2.30 -17.47
C SER B 26 8.52 -3.33 -18.59
N GLN B 27 7.69 -4.34 -18.35
CA GLN B 27 7.32 -5.28 -19.39
C GLN B 27 5.82 -5.57 -19.29
N SER B 28 5.26 -6.13 -20.35
CA SER B 28 3.84 -6.39 -20.39
C SER B 28 3.48 -7.52 -19.45
N ILE B 29 2.51 -7.28 -18.56
CA ILE B 29 2.15 -8.26 -17.54
C ILE B 29 0.64 -8.52 -17.53
N GLY B 30 -0.01 -8.29 -18.66
CA GLY B 30 -1.43 -8.54 -18.74
C GLY B 30 -2.20 -7.62 -17.80
N THR B 31 -3.00 -8.21 -16.92
CA THR B 31 -3.77 -7.45 -15.93
C THR B 31 -3.37 -7.82 -14.51
N SER B 32 -2.09 -8.12 -14.29
CA SER B 32 -1.60 -8.58 -12.99
C SER B 32 -1.26 -7.42 -12.05
N ILE B 33 -2.06 -6.37 -12.03
CA ILE B 33 -1.82 -5.22 -11.16
C ILE B 33 -2.92 -5.14 -10.11
N HIS B 34 -2.53 -4.71 -8.91
CA HIS B 34 -3.45 -4.54 -7.79
C HIS B 34 -3.13 -3.22 -7.10
N TRP B 35 -4.18 -2.51 -6.69
CA TRP B 35 -4.05 -1.17 -6.09
C TRP B 35 -4.41 -1.20 -4.62
N TYR B 36 -3.72 -0.35 -3.85
CA TYR B 36 -3.93 -0.24 -2.42
C TYR B 36 -3.93 1.23 -2.01
N GLN B 37 -4.56 1.49 -0.88
CA GLN B 37 -4.62 2.83 -0.29
C GLN B 37 -4.17 2.73 1.15
N GLN B 38 -3.19 3.55 1.52
CA GLN B 38 -2.69 3.59 2.90
C GLN B 38 -2.83 5.02 3.41
N LYS B 39 -3.73 5.23 4.37
CA LYS B 39 -3.88 6.52 5.00
C LYS B 39 -2.84 6.69 6.10
N THR B 40 -2.66 7.93 6.53
CA THR B 40 -1.67 8.27 7.55
C THR B 40 -1.82 7.38 8.78
N GLN B 41 -0.72 6.73 9.16
CA GLN B 41 -0.65 5.84 10.31
C GLN B 41 -1.63 4.67 10.21
N GLY B 42 -2.03 4.28 9.00
CA GLY B 42 -2.99 3.23 8.79
C GLY B 42 -2.41 2.07 8.00
N SER B 43 -3.12 0.96 8.02
CA SER B 43 -2.76 -0.20 7.22
C SER B 43 -3.29 -0.05 5.80
N PRO B 44 -2.59 -0.62 4.82
CA PRO B 44 -3.04 -0.49 3.42
C PRO B 44 -4.39 -1.16 3.23
N ARG B 45 -5.19 -0.58 2.33
CA ARG B 45 -6.53 -1.06 2.04
C ARG B 45 -6.62 -1.40 0.56
N LEU B 46 -7.04 -2.61 0.26
CA LEU B 46 -7.17 -3.07 -1.13
C LEU B 46 -8.28 -2.31 -1.83
N LEU B 47 -7.96 -1.61 -2.91
CA LEU B 47 -8.92 -0.82 -3.67
C LEU B 47 -9.41 -1.53 -4.93
N ILE B 48 -8.48 -2.07 -5.72
CA ILE B 48 -8.79 -2.69 -7.00
C ILE B 48 -7.92 -3.93 -7.16
N LYS B 49 -8.52 -5.04 -7.57
CA LYS B 49 -7.80 -6.26 -7.85
C LYS B 49 -7.79 -6.53 -9.35
N TYR B 50 -6.68 -7.10 -9.82
CA TYR B 50 -6.48 -7.45 -11.23
C TYR B 50 -6.90 -6.33 -12.17
N SER B 51 -6.24 -5.19 -11.98
CA SER B 51 -6.33 -4.02 -12.87
C SER B 51 -7.65 -3.26 -12.78
N SER B 52 -8.79 -3.97 -12.78
CA SER B 52 -10.06 -3.27 -12.91
C SER B 52 -11.22 -3.88 -12.13
N GLU B 53 -11.00 -4.86 -11.26
CA GLU B 53 -12.10 -5.50 -10.53
C GLU B 53 -12.37 -4.77 -9.22
N SER B 54 -13.62 -4.39 -9.00
CA SER B 54 -14.00 -3.71 -7.77
C SER B 54 -13.97 -4.66 -6.59
N ILE B 55 -13.69 -4.12 -5.42
CA ILE B 55 -13.64 -4.89 -4.19
C ILE B 55 -14.97 -4.77 -3.45
N SER B 56 -15.16 -5.62 -2.44
CA SER B 56 -16.47 -5.76 -1.80
C SER B 56 -16.96 -4.45 -1.22
N GLY B 57 -16.16 -3.81 -0.37
CA GLY B 57 -16.64 -2.65 0.37
C GLY B 57 -16.03 -1.32 -0.03
N ILE B 58 -15.54 -1.22 -1.26
CA ILE B 58 -14.91 -0.01 -1.76
C ILE B 58 -15.97 0.86 -2.45
N PRO B 59 -15.94 2.18 -2.26
CA PRO B 59 -16.89 3.05 -2.97
C PRO B 59 -16.78 2.89 -4.48
N SER B 60 -17.93 3.05 -5.15
CA SER B 60 -18.00 2.83 -6.60
C SER B 60 -17.22 3.87 -7.39
N ARG B 61 -16.78 4.97 -6.78
CA ARG B 61 -16.00 5.97 -7.47
C ARG B 61 -14.53 5.58 -7.62
N PHE B 62 -14.14 4.40 -7.13
CA PHE B 62 -12.79 3.88 -7.33
C PHE B 62 -12.82 2.91 -8.50
N SER B 63 -12.09 3.23 -9.56
CA SER B 63 -12.04 2.41 -10.75
C SER B 63 -10.61 2.30 -11.24
N GLY B 64 -10.22 1.12 -11.67
CA GLY B 64 -8.92 0.91 -12.28
C GLY B 64 -9.07 0.40 -13.70
N SER B 65 -8.00 0.47 -14.49
CA SER B 65 -8.04 -0.02 -15.86
C SER B 65 -6.62 -0.21 -16.37
N GLY B 66 -6.50 -0.95 -17.47
CA GLY B 66 -5.21 -1.15 -18.08
C GLY B 66 -4.85 -2.60 -18.32
N ALA B 67 -4.11 -2.86 -19.40
CA ALA B 67 -3.63 -4.20 -19.70
C ALA B 67 -2.25 -4.07 -20.34
N GLY B 68 -1.31 -4.88 -19.87
CA GLY B 68 0.02 -4.88 -20.45
C GLY B 68 1.04 -4.07 -19.68
N THR B 69 1.14 -2.78 -19.99
CA THR B 69 2.19 -1.93 -19.45
C THR B 69 1.68 -0.75 -18.64
N ASP B 70 0.61 -0.09 -19.08
CA ASP B 70 0.14 1.15 -18.47
C ASP B 70 -1.16 0.88 -17.71
N PHE B 71 -1.15 1.14 -16.41
CA PHE B 71 -2.30 0.94 -15.55
C PHE B 71 -2.67 2.24 -14.85
N THR B 72 -3.97 2.46 -14.66
CA THR B 72 -4.47 3.71 -14.10
C THR B 72 -5.56 3.43 -13.07
N LEU B 73 -5.36 3.91 -11.86
CA LEU B 73 -6.39 3.96 -10.83
C LEU B 73 -7.01 5.34 -10.86
N SER B 74 -8.33 5.41 -11.04
CA SER B 74 -9.02 6.68 -11.19
C SER B 74 -10.08 6.84 -10.11
N ILE B 75 -10.30 8.09 -9.71
CA ILE B 75 -11.33 8.45 -8.73
C ILE B 75 -12.16 9.57 -9.36
N ASN B 76 -13.42 9.27 -9.68
CA ASN B 76 -14.34 10.28 -10.18
C ASN B 76 -15.06 10.92 -8.99
N SER B 77 -15.14 12.25 -8.99
CA SER B 77 -15.67 13.01 -7.87
C SER B 77 -14.92 12.68 -6.58
N VAL B 78 -13.73 13.24 -6.42
CA VAL B 78 -12.85 12.88 -5.32
C VAL B 78 -13.32 13.58 -4.05
N GLU B 79 -13.43 12.82 -2.96
CA GLU B 79 -13.70 13.38 -1.65
C GLU B 79 -12.38 13.70 -0.95
N SER B 80 -12.48 14.37 0.19
CA SER B 80 -11.30 14.61 1.00
C SER B 80 -10.95 13.43 1.89
N GLU B 81 -11.91 12.54 2.15
CA GLU B 81 -11.64 11.32 2.90
C GLU B 81 -10.76 10.34 2.15
N ASP B 82 -10.49 10.59 0.88
CA ASP B 82 -9.64 9.72 0.06
C ASP B 82 -8.17 10.10 0.13
N ILE B 83 -7.79 11.01 1.03
CA ILE B 83 -6.40 11.47 1.11
C ILE B 83 -5.55 10.36 1.71
N ALA B 84 -4.57 9.88 0.96
CA ALA B 84 -3.69 8.79 1.36
C ALA B 84 -2.64 8.53 0.29
N VAL B 85 -1.78 7.55 0.53
CA VAL B 85 -0.79 7.12 -0.45
C VAL B 85 -1.32 5.89 -1.16
N PHE B 86 -1.15 5.84 -2.48
CA PHE B 86 -1.70 4.78 -3.31
C PHE B 86 -0.54 3.98 -3.90
N TYR B 87 -0.50 2.69 -3.61
CA TYR B 87 0.53 1.79 -4.13
C TYR B 87 -0.09 0.81 -5.11
N CYS B 88 0.59 0.59 -6.23
CA CYS B 88 0.24 -0.54 -7.07
C CYS B 88 1.13 -1.72 -6.73
N GLN B 89 0.66 -2.91 -7.11
CA GLN B 89 1.36 -4.16 -6.80
C GLN B 89 1.15 -5.09 -7.97
N GLN B 90 2.23 -5.75 -8.41
CA GLN B 90 2.17 -6.69 -9.52
C GLN B 90 2.26 -8.12 -9.00
N SER B 91 1.52 -9.02 -9.64
CA SER B 91 1.56 -10.43 -9.30
C SER B 91 2.02 -11.32 -10.46
N TYR B 92 2.42 -10.71 -11.59
CA TYR B 92 2.86 -11.50 -12.74
C TYR B 92 4.04 -12.39 -12.39
N THR B 93 4.97 -11.88 -11.58
CA THR B 93 6.15 -12.63 -11.18
C THR B 93 5.90 -13.56 -10.00
N TRP B 94 4.66 -13.95 -9.76
CA TRP B 94 4.36 -14.89 -8.69
C TRP B 94 5.24 -16.12 -8.81
N PRO B 95 5.70 -16.70 -7.70
CA PRO B 95 5.38 -16.35 -6.30
C PRO B 95 6.22 -15.22 -5.70
N ILE B 96 6.65 -14.25 -6.51
CA ILE B 96 7.36 -13.08 -6.02
C ILE B 96 6.52 -11.85 -6.37
N PHE B 97 6.37 -10.96 -5.40
CA PHE B 97 5.52 -9.78 -5.57
C PHE B 97 6.27 -8.53 -5.19
N THR B 98 5.95 -7.43 -5.88
CA THR B 98 6.59 -6.15 -5.62
C THR B 98 5.55 -5.05 -5.67
N PHE B 99 5.87 -3.93 -5.02
CA PHE B 99 5.00 -2.76 -4.98
C PHE B 99 5.66 -1.58 -5.69
N GLY B 100 4.83 -0.74 -6.29
CA GLY B 100 5.31 0.54 -6.78
C GLY B 100 5.65 1.47 -5.64
N SER B 101 6.33 2.57 -5.98
CA SER B 101 6.83 3.48 -4.95
C SER B 101 5.73 4.36 -4.36
N GLY B 102 4.49 4.21 -4.79
CA GLY B 102 3.39 4.95 -4.20
C GLY B 102 3.28 6.37 -4.72
N THR B 103 2.05 6.84 -4.88
CA THR B 103 1.76 8.22 -5.26
C THR B 103 0.89 8.83 -4.19
N LYS B 104 1.32 9.97 -3.65
CA LYS B 104 0.57 10.65 -2.61
C LYS B 104 -0.48 11.57 -3.22
N LEU B 105 -1.68 11.54 -2.65
CA LEU B 105 -2.78 12.39 -3.09
C LEU B 105 -3.05 13.43 -2.02
N GLU B 106 -2.90 14.70 -2.38
CA GLU B 106 -3.27 15.82 -1.53
C GLU B 106 -4.35 16.66 -2.20
N ILE B 107 -4.99 17.52 -1.41
CA ILE B 107 -6.02 18.42 -1.90
C ILE B 107 -5.66 19.83 -1.47
N LYS B 108 -5.90 20.80 -2.36
CA LYS B 108 -5.69 22.21 -2.08
C LYS B 108 -7.01 22.94 -2.24
N ARG B 109 -7.46 23.59 -1.17
CA ARG B 109 -8.68 24.39 -1.22
C ARG B 109 -8.33 25.85 -1.51
N ALA B 110 -9.19 26.78 -1.09
CA ALA B 110 -8.94 28.19 -1.33
C ALA B 110 -7.80 28.70 -0.46
N ASP B 111 -8.06 28.84 0.84
CA ASP B 111 -7.05 29.33 1.77
C ASP B 111 -7.44 28.87 3.16
N ALA B 112 -6.92 29.54 4.19
CA ALA B 112 -7.23 29.16 5.57
C ALA B 112 -6.18 29.73 6.52
N ALA B 113 -6.63 30.23 7.67
CA ALA B 113 -5.75 30.83 8.66
C ALA B 113 -5.57 29.89 9.85
N PRO B 114 -4.36 29.81 10.40
CA PRO B 114 -4.14 28.89 11.52
C PRO B 114 -4.67 29.46 12.82
N THR B 115 -5.33 28.61 13.60
CA THR B 115 -5.75 28.97 14.95
C THR B 115 -4.57 28.70 15.87
N VAL B 116 -3.90 29.77 16.28
CA VAL B 116 -2.65 29.68 17.04
C VAL B 116 -2.97 29.67 18.52
N SER B 117 -2.12 28.98 19.29
CA SER B 117 -2.27 28.93 20.75
C SER B 117 -0.90 28.74 21.38
N ILE B 118 -0.65 29.47 22.46
CA ILE B 118 0.56 29.32 23.25
C ILE B 118 0.22 28.56 24.53
N PHE B 119 1.24 27.94 25.13
CA PHE B 119 0.99 27.13 26.32
C PHE B 119 2.12 27.19 27.34
N PRO B 120 1.80 27.18 28.63
CA PRO B 120 2.82 27.14 29.67
C PRO B 120 3.08 25.70 30.10
N PRO B 121 3.89 25.46 31.16
CA PRO B 121 4.02 24.09 31.69
C PRO B 121 3.17 23.86 32.93
N SER B 122 2.87 22.58 33.23
CA SER B 122 1.92 22.25 34.29
C SER B 122 2.63 21.44 35.36
N SER B 123 2.15 20.22 35.67
CA SER B 123 2.75 19.39 36.71
C SER B 123 4.16 18.96 36.37
N GLU B 124 4.65 19.29 35.17
CA GLU B 124 6.04 19.07 34.83
C GLU B 124 6.97 19.87 35.74
N GLN B 125 6.47 20.98 36.29
CA GLN B 125 7.28 21.79 37.20
C GLN B 125 7.59 21.03 38.50
N LEU B 126 6.58 20.37 39.07
CA LEU B 126 6.79 19.63 40.31
C LEU B 126 7.78 18.49 40.13
N THR B 127 7.88 17.96 38.91
CA THR B 127 8.81 16.87 38.65
C THR B 127 10.25 17.28 38.93
N SER B 128 10.73 18.31 38.24
CA SER B 128 12.08 18.80 38.47
C SER B 128 12.61 19.52 37.24
N GLY B 129 12.50 18.89 36.07
CA GLY B 129 12.96 19.51 34.84
C GLY B 129 12.10 20.67 34.42
N GLY B 130 11.29 20.48 33.38
CA GLY B 130 10.37 21.50 32.94
C GLY B 130 10.87 22.27 31.73
N ALA B 131 10.23 23.42 31.50
CA ALA B 131 10.62 24.33 30.43
C ALA B 131 10.13 23.84 29.07
N SER B 132 8.85 23.52 28.96
CA SER B 132 8.25 23.04 27.72
C SER B 132 7.19 24.05 27.29
N VAL B 133 7.48 24.81 26.24
CA VAL B 133 6.55 25.82 25.73
C VAL B 133 6.02 25.36 24.37
N VAL B 134 4.92 24.61 24.39
CA VAL B 134 4.32 24.08 23.18
C VAL B 134 3.38 25.12 22.59
N CYS B 135 3.39 25.23 21.26
CA CYS B 135 2.58 26.22 20.56
C CYS B 135 1.90 25.53 19.38
N PHE B 136 0.59 25.37 19.47
CA PHE B 136 -0.19 24.74 18.40
C PHE B 136 -0.62 25.79 17.38
N LEU B 137 -0.41 25.48 16.10
CA LEU B 137 -0.85 26.32 14.98
C LEU B 137 -1.64 25.40 14.06
N ASN B 138 -2.92 25.21 14.38
CA ASN B 138 -3.74 24.18 13.76
C ASN B 138 -4.59 24.75 12.62
N ASN B 139 -4.83 23.91 11.62
CA ASN B 139 -5.77 24.18 10.52
C ASN B 139 -5.37 25.39 9.68
N PHE B 140 -4.69 25.17 8.57
CA PHE B 140 -4.29 26.27 7.70
C PHE B 140 -3.93 25.75 6.32
N TYR B 141 -3.95 26.67 5.36
CA TYR B 141 -3.40 26.51 4.02
C TYR B 141 -2.32 27.56 3.82
N PRO B 142 -1.31 27.29 2.96
CA PRO B 142 -1.11 26.10 2.14
C PRO B 142 -0.46 24.95 2.91
N LYS B 143 0.63 24.41 2.36
CA LYS B 143 1.27 23.25 2.96
C LYS B 143 2.26 23.60 4.06
N ASP B 144 2.79 24.82 4.06
CA ASP B 144 3.85 25.18 5.00
C ASP B 144 3.63 26.58 5.54
N ILE B 145 3.90 26.73 6.84
CA ILE B 145 3.89 28.03 7.50
C ILE B 145 5.32 28.41 7.83
N ASN B 146 5.50 29.27 8.84
CA ASN B 146 6.84 29.66 9.27
C ASN B 146 6.80 30.22 10.67
N VAL B 147 6.58 29.35 11.67
CA VAL B 147 6.50 29.80 13.05
C VAL B 147 7.88 30.25 13.54
N LYS B 148 7.87 31.12 14.55
CA LYS B 148 9.10 31.65 15.13
C LYS B 148 8.85 31.92 16.61
N TRP B 149 9.95 32.12 17.34
CA TRP B 149 9.89 32.37 18.77
C TRP B 149 10.65 33.64 19.10
N LYS B 150 10.33 34.22 20.26
CA LYS B 150 10.93 35.47 20.70
C LYS B 150 11.33 35.34 22.16
N ILE B 151 12.04 36.36 22.65
CA ILE B 151 12.49 36.39 24.04
C ILE B 151 12.18 37.74 24.65
N ASP B 152 13.20 38.57 24.84
CA ASP B 152 13.07 39.90 25.42
C ASP B 152 13.79 40.92 24.55
N GLY B 153 13.48 40.90 23.25
CA GLY B 153 14.17 41.73 22.28
C GLY B 153 14.94 40.94 21.24
N SER B 154 14.98 39.62 21.33
CA SER B 154 15.67 38.79 20.34
C SER B 154 14.96 37.45 20.18
N GLU B 155 15.71 36.42 19.82
CA GLU B 155 15.16 35.11 19.55
C GLU B 155 16.12 34.04 20.06
N ARG B 156 15.56 32.88 20.44
CA ARG B 156 16.34 31.72 20.86
C ARG B 156 15.96 30.55 19.96
N GLN B 157 16.86 30.18 19.05
CA GLN B 157 16.64 29.06 18.14
C GLN B 157 17.34 27.82 18.70
N ASN B 158 16.80 27.35 19.82
CA ASN B 158 17.43 26.28 20.58
C ASN B 158 16.53 25.06 20.56
N GLY B 159 15.60 24.92 21.49
CA GLY B 159 14.82 23.70 21.62
C GLY B 159 13.53 23.74 20.83
N VAL B 160 13.45 24.61 19.83
CA VAL B 160 12.27 24.66 18.96
C VAL B 160 12.20 23.36 18.16
N LEU B 161 11.32 22.47 18.59
CA LEU B 161 11.11 21.17 17.94
C LEU B 161 9.75 21.22 17.28
N ASN B 162 9.74 21.39 15.96
CA ASN B 162 8.50 21.52 15.21
C ASN B 162 8.02 20.15 14.74
N SER B 163 6.72 20.08 14.43
CA SER B 163 6.12 18.85 13.94
C SER B 163 4.98 19.25 13.02
N TRP B 164 5.13 18.94 11.73
CA TRP B 164 4.07 19.16 10.75
C TRP B 164 3.03 18.05 10.86
N THR B 165 2.17 17.89 9.85
CA THR B 165 1.06 16.95 9.98
C THR B 165 0.50 16.65 8.59
N ASP B 166 -0.31 15.57 8.52
CA ASP B 166 -0.98 15.14 7.30
C ASP B 166 -2.24 15.95 7.06
N GLN B 167 -3.20 15.42 6.31
CA GLN B 167 -4.42 16.12 6.00
C GLN B 167 -5.57 15.66 6.88
N ASP B 168 -6.78 16.13 6.57
CA ASP B 168 -7.97 15.80 7.33
C ASP B 168 -9.13 15.59 6.37
N SER B 169 -10.11 14.79 6.82
CA SER B 169 -11.24 14.45 5.97
C SER B 169 -12.15 15.64 5.73
N LYS B 170 -12.30 16.51 6.72
CA LYS B 170 -13.18 17.67 6.59
C LYS B 170 -12.44 18.96 6.34
N ASP B 171 -11.31 19.17 7.01
CA ASP B 171 -10.56 20.42 6.86
C ASP B 171 -9.67 20.41 5.63
N SER B 172 -8.95 19.31 5.40
CA SER B 172 -7.84 19.29 4.44
C SER B 172 -6.84 20.39 4.76
N THR B 173 -6.78 20.77 6.04
CA THR B 173 -6.01 21.90 6.50
C THR B 173 -4.88 21.39 7.39
N TYR B 174 -3.64 21.64 6.96
CA TYR B 174 -2.48 21.17 7.68
C TYR B 174 -2.39 21.81 9.06
N SER B 175 -1.51 21.25 9.89
CA SER B 175 -1.32 21.73 11.25
C SER B 175 0.15 21.55 11.62
N MET B 176 0.56 22.28 12.65
CA MET B 176 1.95 22.28 13.09
C MET B 176 2.00 22.57 14.58
N SER B 177 2.91 21.90 15.29
CA SER B 177 3.10 22.08 16.72
C SER B 177 4.57 22.35 17.00
N SER B 178 4.95 23.62 17.11
CA SER B 178 6.29 23.99 17.53
C SER B 178 6.35 23.99 19.05
N THR B 179 7.24 23.19 19.62
CA THR B 179 7.34 23.00 21.06
C THR B 179 8.73 23.43 21.53
N LEU B 180 8.97 24.73 21.55
CA LEU B 180 10.26 25.24 22.00
C LEU B 180 10.47 24.90 23.47
N THR B 181 11.49 24.09 23.75
CA THR B 181 11.77 23.62 25.10
C THR B 181 13.13 24.12 25.55
N LEU B 182 13.18 24.55 26.81
CA LEU B 182 14.43 25.01 27.43
C LEU B 182 14.53 24.35 28.80
N THR B 183 15.42 24.87 29.64
CA THR B 183 15.63 24.30 30.96
C THR B 183 14.69 24.94 31.98
N LYS B 184 14.33 24.16 33.00
CA LYS B 184 13.35 24.57 34.00
C LYS B 184 13.90 25.59 35.00
N ASP B 185 15.20 25.85 34.98
CA ASP B 185 15.78 26.95 35.73
C ASP B 185 16.01 28.19 34.88
N GLU B 186 16.14 28.02 33.56
CA GLU B 186 16.27 29.15 32.64
C GLU B 186 14.94 29.70 32.19
N TYR B 187 13.91 28.86 32.12
CA TYR B 187 12.56 29.36 31.81
C TYR B 187 12.12 30.39 32.85
N GLU B 188 12.62 30.27 34.08
CA GLU B 188 12.41 31.28 35.11
C GLU B 188 13.32 32.49 34.97
N ARG B 189 13.85 32.75 33.77
CA ARG B 189 14.80 33.83 33.54
C ARG B 189 14.17 34.97 32.76
N HIS B 190 13.90 34.77 31.46
CA HIS B 190 13.35 35.84 30.62
C HIS B 190 11.94 36.19 31.05
N ASN B 191 11.03 35.21 31.02
CA ASN B 191 9.65 35.30 31.52
C ASN B 191 8.70 36.10 30.61
N SER B 192 8.99 36.20 29.32
CA SER B 192 8.10 36.91 28.40
C SER B 192 8.16 36.28 27.01
N TYR B 193 8.04 34.96 26.95
CA TYR B 193 8.20 34.23 25.70
C TYR B 193 6.98 34.43 24.81
N THR B 194 7.23 34.73 23.54
CA THR B 194 6.19 34.87 22.54
C THR B 194 6.37 33.80 21.48
N CYS B 195 5.24 33.31 20.96
CA CYS B 195 5.23 32.33 19.87
C CYS B 195 4.75 33.05 18.61
N GLU B 196 5.70 33.54 17.82
CA GLU B 196 5.37 34.23 16.59
C GLU B 196 5.04 33.22 15.50
N ALA B 197 4.63 33.72 14.33
CA ALA B 197 4.30 32.87 13.20
C ALA B 197 4.62 33.62 11.91
N THR B 198 4.01 33.19 10.81
CA THR B 198 4.26 33.80 9.51
C THR B 198 3.56 33.02 8.40
N HIS B 199 2.65 32.14 8.79
CA HIS B 199 1.90 31.34 7.82
C HIS B 199 1.02 32.24 6.95
N LYS B 200 0.59 31.70 5.82
CA LYS B 200 -0.16 32.48 4.85
C LYS B 200 0.77 33.41 4.09
N THR B 201 0.22 34.23 3.19
CA THR B 201 1.03 35.13 2.39
C THR B 201 0.83 36.60 2.73
N SER B 202 -0.17 36.94 3.55
CA SER B 202 -0.40 38.34 3.89
C SER B 202 0.68 38.86 4.82
N THR B 203 0.98 40.15 4.68
CA THR B 203 2.00 40.77 5.51
C THR B 203 1.50 40.92 6.95
N SER B 204 2.43 40.84 7.90
CA SER B 204 2.09 40.96 9.31
C SER B 204 1.69 39.58 9.85
N PRO B 205 2.50 38.99 10.73
CA PRO B 205 2.20 37.63 11.20
C PRO B 205 1.10 37.57 12.24
N ILE B 206 1.03 36.44 12.94
CA ILE B 206 0.13 36.24 14.07
C ILE B 206 0.99 35.86 15.27
N VAL B 207 0.88 36.64 16.34
CA VAL B 207 1.74 36.49 17.51
C VAL B 207 0.91 36.08 18.71
N LYS B 208 1.43 35.12 19.49
CA LYS B 208 0.81 34.66 20.73
C LYS B 208 1.88 34.60 21.81
N SER B 209 1.62 35.26 22.94
CA SER B 209 2.60 35.38 24.01
C SER B 209 1.92 35.15 25.35
N PHE B 210 2.71 35.23 26.42
CA PHE B 210 2.22 35.07 27.79
C PHE B 210 3.27 35.64 28.75
N ASN B 211 2.97 35.55 30.05
CA ASN B 211 3.87 36.06 31.08
C ASN B 211 3.83 35.12 32.27
N ARG B 212 4.75 35.36 33.21
CA ARG B 212 5.06 34.37 34.24
C ARG B 212 3.82 33.99 35.06
N ASN B 213 2.99 34.96 35.39
CA ASN B 213 1.82 34.71 36.22
C ASN B 213 0.56 35.32 35.64
N GLN C 1 -15.31 -9.79 10.88
CA GLN C 1 -14.75 -10.52 12.02
C GLN C 1 -13.36 -11.04 11.68
N VAL C 2 -12.97 -10.88 10.41
CA VAL C 2 -11.61 -11.22 10.02
C VAL C 2 -10.64 -10.30 10.74
N GLN C 3 -9.61 -10.88 11.35
CA GLN C 3 -8.69 -10.09 12.14
C GLN C 3 -7.28 -10.66 12.02
N LEU C 4 -6.32 -9.75 11.87
CA LEU C 4 -4.89 -10.06 11.95
C LEU C 4 -4.32 -9.13 13.01
N GLN C 5 -4.00 -9.68 14.18
CA GLN C 5 -3.56 -8.89 15.33
C GLN C 5 -2.05 -8.91 15.43
N GLN C 6 -1.43 -7.73 15.50
CA GLN C 6 0.00 -7.65 15.66
C GLN C 6 0.36 -6.81 16.87
N PRO C 7 1.38 -7.21 17.63
CA PRO C 7 1.86 -6.36 18.74
C PRO C 7 2.26 -4.98 18.24
N GLY C 8 2.08 -3.99 19.11
CA GLY C 8 2.35 -2.61 18.70
C GLY C 8 3.82 -2.36 18.42
N ALA C 9 4.72 -2.94 19.22
CA ALA C 9 6.13 -2.59 19.11
C ALA C 9 7.00 -3.76 19.54
N GLU C 10 8.23 -3.74 19.04
CA GLU C 10 9.30 -4.63 19.49
C GLU C 10 10.58 -3.82 19.50
N LEU C 11 11.19 -3.68 20.68
CA LEU C 11 12.47 -3.01 20.83
C LEU C 11 13.56 -4.08 20.84
N VAL C 12 14.41 -4.06 19.82
CA VAL C 12 15.45 -5.07 19.65
C VAL C 12 16.81 -4.40 19.80
N LYS C 13 17.72 -5.06 20.47
CA LYS C 13 19.09 -4.58 20.54
C LYS C 13 19.84 -4.95 19.27
N PRO C 14 20.84 -4.17 18.88
CA PRO C 14 21.62 -4.50 17.68
C PRO C 14 22.22 -5.89 17.79
N GLY C 15 22.11 -6.65 16.70
CA GLY C 15 22.62 -8.00 16.65
C GLY C 15 21.72 -9.06 17.24
N ALA C 16 20.71 -8.67 18.01
CA ALA C 16 19.79 -9.64 18.58
C ALA C 16 18.75 -10.06 17.53
N SER C 17 17.99 -11.10 17.87
CA SER C 17 16.89 -11.57 17.04
C SER C 17 15.58 -11.07 17.59
N VAL C 18 14.55 -11.09 16.75
CA VAL C 18 13.20 -10.70 17.14
C VAL C 18 12.21 -11.69 16.51
N GLN C 19 11.18 -12.04 17.28
CA GLN C 19 10.08 -12.86 16.81
C GLN C 19 8.85 -11.99 16.69
N LEU C 20 8.35 -11.82 15.48
CA LEU C 20 7.12 -11.07 15.23
C LEU C 20 5.96 -12.04 15.08
N SER C 21 4.81 -11.67 15.63
CA SER C 21 3.65 -12.54 15.65
C SER C 21 2.48 -11.88 14.94
N CYS C 22 1.63 -12.71 14.34
CA CYS C 22 0.46 -12.25 13.59
C CYS C 22 -0.67 -13.23 13.88
N LYS C 23 -1.52 -12.89 14.84
CA LYS C 23 -2.61 -13.76 15.27
C LYS C 23 -3.81 -13.56 14.36
N ALA C 24 -4.18 -14.61 13.63
CA ALA C 24 -5.32 -14.57 12.72
C ALA C 24 -6.56 -15.12 13.42
N SER C 25 -7.71 -14.57 13.05
CA SER C 25 -8.98 -15.05 13.58
C SER C 25 -10.10 -14.66 12.63
N GLY C 26 -11.17 -15.43 12.67
CA GLY C 26 -12.36 -15.13 11.89
C GLY C 26 -12.38 -15.67 10.49
N TYR C 27 -11.46 -16.57 10.14
CA TYR C 27 -11.48 -17.20 8.82
C TYR C 27 -10.74 -18.52 8.90
N THR C 28 -10.76 -19.27 7.79
CA THR C 28 -10.10 -20.57 7.71
C THR C 28 -8.61 -20.34 7.48
N PHE C 29 -7.80 -20.64 8.49
CA PHE C 29 -6.38 -20.30 8.46
C PHE C 29 -5.66 -21.06 7.35
N THR C 30 -5.93 -22.36 7.20
CA THR C 30 -5.21 -23.21 6.27
C THR C 30 -5.51 -22.92 4.81
N SER C 31 -6.43 -22.00 4.50
CA SER C 31 -6.80 -21.71 3.12
C SER C 31 -6.17 -20.43 2.59
N TYR C 32 -5.29 -19.80 3.34
CA TYR C 32 -4.75 -18.49 2.98
C TYR C 32 -3.24 -18.49 3.11
N TRP C 33 -2.58 -17.78 2.19
CA TRP C 33 -1.20 -17.44 2.39
C TRP C 33 -1.09 -16.30 3.39
N MET C 34 0.01 -16.26 4.13
CA MET C 34 0.29 -15.15 5.04
C MET C 34 1.58 -14.48 4.58
N HIS C 35 1.47 -13.23 4.15
CA HIS C 35 2.59 -12.47 3.64
C HIS C 35 3.14 -11.56 4.73
N TRP C 36 4.37 -11.10 4.52
CA TRP C 36 5.02 -10.16 5.43
C TRP C 36 5.57 -8.99 4.62
N VAL C 37 5.23 -7.78 5.05
CA VAL C 37 5.50 -6.55 4.31
C VAL C 37 6.23 -5.58 5.23
N LYS C 38 7.31 -4.99 4.73
CA LYS C 38 8.15 -4.07 5.49
C LYS C 38 7.95 -2.66 4.94
N GLN C 39 7.80 -1.69 5.85
CA GLN C 39 7.67 -0.28 5.46
C GLN C 39 8.54 0.56 6.39
N ARG C 40 9.60 1.13 5.84
CA ARG C 40 10.46 2.03 6.60
C ARG C 40 9.79 3.39 6.74
N PRO C 41 10.09 4.12 7.86
CA PRO C 41 9.25 5.25 8.30
C PRO C 41 8.41 5.98 7.26
N GLY C 42 9.03 6.82 6.44
CA GLY C 42 8.28 7.59 5.48
C GLY C 42 8.42 7.09 4.05
N GLN C 43 8.45 5.77 3.87
CA GLN C 43 8.72 5.21 2.56
C GLN C 43 7.63 4.24 2.11
N GLY C 44 7.95 3.41 1.11
CA GLY C 44 6.98 2.55 0.48
C GLY C 44 6.96 1.13 1.03
N LEU C 45 5.99 0.37 0.55
CA LEU C 45 5.83 -1.01 0.97
C LEU C 45 6.85 -1.91 0.29
N GLU C 46 7.37 -2.89 1.03
CA GLU C 46 8.40 -3.79 0.56
C GLU C 46 7.97 -5.21 0.92
N TRP C 47 7.64 -6.01 -0.09
CA TRP C 47 7.24 -7.40 0.16
C TRP C 47 8.45 -8.23 0.56
N ILE C 48 8.27 -9.06 1.59
CA ILE C 48 9.35 -9.87 2.14
C ILE C 48 9.18 -11.34 1.80
N GLY C 49 8.02 -11.90 2.11
CA GLY C 49 7.80 -13.31 1.86
C GLY C 49 6.42 -13.75 2.27
N MET C 50 6.17 -15.05 2.10
CA MET C 50 4.88 -15.62 2.44
C MET C 50 5.06 -17.08 2.82
N ILE C 51 4.04 -17.63 3.48
CA ILE C 51 4.08 -18.99 3.99
C ILE C 51 2.67 -19.56 3.94
N HIS C 52 2.56 -20.83 3.57
CA HIS C 52 1.26 -21.48 3.57
C HIS C 52 1.16 -22.46 4.72
N PRO C 53 0.12 -22.34 5.56
CA PRO C 53 0.12 -23.08 6.84
C PRO C 53 0.12 -24.59 6.71
N THR C 54 -0.48 -25.15 5.65
CA THR C 54 -0.59 -26.60 5.55
C THR C 54 0.77 -27.25 5.33
N ASN C 55 1.41 -26.94 4.21
CA ASN C 55 2.66 -27.57 3.81
C ASN C 55 3.89 -26.83 4.31
N ASP C 56 3.72 -25.71 5.01
CA ASP C 56 4.82 -24.85 5.44
C ASP C 56 5.65 -24.34 4.26
N LYS C 57 5.01 -24.23 3.10
CA LYS C 57 5.69 -23.74 1.90
C LYS C 57 5.95 -22.26 2.04
N THR C 58 7.21 -21.85 1.87
CA THR C 58 7.62 -20.46 2.01
C THR C 58 8.22 -19.96 0.69
N ASN C 59 7.94 -18.70 0.38
CA ASN C 59 8.56 -18.01 -0.74
C ASN C 59 9.06 -16.66 -0.26
N PHE C 60 10.32 -16.34 -0.56
CA PHE C 60 10.95 -15.11 -0.12
C PHE C 60 11.45 -14.30 -1.31
N ASN C 61 11.52 -13.00 -1.13
CA ASN C 61 12.29 -12.15 -2.03
C ASN C 61 13.75 -12.36 -1.69
N GLU C 62 14.52 -12.93 -2.61
CA GLU C 62 15.86 -13.44 -2.32
C GLU C 62 16.84 -12.38 -1.84
N LYS C 63 16.40 -11.11 -1.81
CA LYS C 63 17.25 -10.04 -1.29
C LYS C 63 17.26 -9.99 0.23
N LEU C 64 16.20 -10.48 0.88
CA LEU C 64 16.11 -10.46 2.33
C LEU C 64 15.97 -11.84 2.95
N LYS C 65 16.04 -12.92 2.16
CA LYS C 65 15.81 -14.25 2.70
C LYS C 65 16.86 -14.63 3.73
N SER C 66 18.08 -14.11 3.61
CA SER C 66 19.18 -14.56 4.47
C SER C 66 18.91 -14.30 5.94
N LYS C 67 18.08 -13.30 6.24
CA LYS C 67 17.82 -12.91 7.61
C LYS C 67 16.44 -13.31 8.12
N VAL C 68 15.56 -13.79 7.26
CA VAL C 68 14.15 -13.99 7.60
C VAL C 68 13.86 -15.49 7.67
N THR C 69 13.01 -15.87 8.64
CA THR C 69 12.44 -17.21 8.69
C THR C 69 10.97 -17.05 9.02
N LEU C 70 10.11 -17.72 8.23
CA LEU C 70 8.67 -17.65 8.42
C LEU C 70 8.17 -18.94 9.07
N THR C 71 7.21 -18.80 9.98
CA THR C 71 6.73 -19.91 10.79
C THR C 71 5.23 -19.74 11.01
N VAL C 72 4.54 -20.87 11.09
CA VAL C 72 3.11 -20.90 11.35
C VAL C 72 2.84 -21.91 12.45
N ASP C 73 1.91 -21.59 13.34
CA ASP C 73 1.40 -22.52 14.34
C ASP C 73 -0.08 -22.68 14.05
N LYS C 74 -0.45 -23.80 13.41
CA LYS C 74 -1.84 -24.01 13.03
C LYS C 74 -2.75 -24.13 14.25
N SER C 75 -2.22 -24.63 15.36
CA SER C 75 -3.05 -24.82 16.55
C SER C 75 -3.64 -23.51 17.04
N SER C 76 -2.90 -22.41 16.89
CA SER C 76 -3.34 -21.10 17.38
C SER C 76 -3.51 -20.08 16.26
N THR C 77 -3.61 -20.55 15.01
CA THR C 77 -3.78 -19.69 13.83
C THR C 77 -2.90 -18.44 13.91
N THR C 78 -1.61 -18.66 14.17
CA THR C 78 -0.66 -17.57 14.36
C THR C 78 0.49 -17.72 13.38
N ALA C 79 0.80 -16.63 12.69
CA ALA C 79 1.95 -16.58 11.79
C ALA C 79 3.08 -15.83 12.48
N TYR C 80 4.29 -16.34 12.31
CA TYR C 80 5.48 -15.76 12.93
C TYR C 80 6.51 -15.42 11.86
N MET C 81 7.18 -14.28 12.04
CA MET C 81 8.35 -13.94 11.24
C MET C 81 9.53 -13.77 12.20
N GLN C 82 10.53 -14.62 12.03
CA GLN C 82 11.77 -14.53 12.79
C GLN C 82 12.75 -13.67 12.02
N LEU C 83 13.39 -12.72 12.71
CA LEU C 83 14.41 -11.88 12.13
C LEU C 83 15.67 -11.97 12.98
N SER C 84 16.80 -12.21 12.34
CA SER C 84 18.06 -12.42 13.04
C SER C 84 19.02 -11.27 12.77
N SER C 85 19.97 -11.10 13.70
CA SER C 85 21.10 -10.18 13.56
C SER C 85 20.65 -8.79 13.08
N LEU C 86 19.80 -8.16 13.88
CA LEU C 86 19.16 -6.93 13.46
C LEU C 86 20.14 -5.76 13.51
N THR C 87 19.97 -4.84 12.55
CA THR C 87 20.71 -3.59 12.51
C THR C 87 19.71 -2.46 12.32
N SER C 88 20.22 -1.22 12.39
CA SER C 88 19.37 -0.05 12.22
C SER C 88 18.59 -0.09 10.92
N GLU C 89 19.16 -0.70 9.87
CA GLU C 89 18.43 -0.83 8.61
C GLU C 89 17.19 -1.69 8.74
N ASP C 90 17.12 -2.56 9.76
CA ASP C 90 15.99 -3.44 9.94
C ASP C 90 14.83 -2.77 10.69
N ALA C 91 15.02 -1.56 11.20
CA ALA C 91 13.94 -0.87 11.90
C ALA C 91 12.92 -0.38 10.89
N ALA C 92 11.66 -0.76 11.11
CA ALA C 92 10.56 -0.40 10.22
C ALA C 92 9.27 -0.90 10.86
N VAL C 93 8.16 -0.64 10.17
CA VAL C 93 6.88 -1.25 10.51
C VAL C 93 6.73 -2.50 9.64
N TYR C 94 6.33 -3.60 10.28
CA TYR C 94 6.18 -4.88 9.60
C TYR C 94 4.72 -5.31 9.67
N TYR C 95 4.03 -5.28 8.54
CA TYR C 95 2.66 -5.75 8.46
C TYR C 95 2.65 -7.22 8.05
N CYS C 96 1.70 -7.96 8.61
CA CYS C 96 1.27 -9.21 7.99
C CYS C 96 0.00 -8.96 7.19
N ALA C 97 -0.23 -9.82 6.21
CA ALA C 97 -1.41 -9.71 5.36
C ALA C 97 -1.69 -11.09 4.78
N ARG C 98 -2.94 -11.30 4.38
CA ARG C 98 -3.36 -12.59 3.87
C ARG C 98 -3.74 -12.49 2.40
N SER C 99 -3.62 -13.62 1.71
CA SER C 99 -4.10 -13.76 0.34
C SER C 99 -4.71 -15.14 0.18
N LEU C 100 -5.82 -15.21 -0.55
CA LEU C 100 -6.55 -16.45 -0.72
C LEU C 100 -5.99 -17.25 -1.89
N SER C 101 -5.66 -18.52 -1.64
CA SER C 101 -5.32 -19.48 -2.68
C SER C 101 -4.23 -18.97 -3.60
N ALA C 102 -4.56 -18.81 -4.88
CA ALA C 102 -3.65 -18.24 -5.87
C ALA C 102 -4.11 -16.87 -6.35
N TYR C 103 -5.09 -16.27 -5.67
CA TYR C 103 -5.48 -14.89 -5.94
C TYR C 103 -4.45 -14.01 -5.23
N TRP C 104 -3.53 -13.45 -6.00
CA TRP C 104 -2.33 -12.85 -5.44
C TRP C 104 -2.52 -11.36 -5.14
N TYR C 105 -3.54 -11.07 -4.35
CA TYR C 105 -3.74 -9.75 -3.79
C TYR C 105 -3.96 -9.89 -2.28
N PHE C 106 -3.74 -8.79 -1.56
CA PHE C 106 -3.76 -8.80 -0.09
C PHE C 106 -5.01 -8.05 0.36
N ASP C 107 -6.04 -8.81 0.69
CA ASP C 107 -7.34 -8.22 1.03
C ASP C 107 -7.40 -7.73 2.47
N VAL C 108 -6.83 -8.50 3.41
CA VAL C 108 -6.87 -8.19 4.82
C VAL C 108 -5.45 -8.01 5.32
N TRP C 109 -5.17 -6.84 5.90
CA TRP C 109 -3.85 -6.49 6.42
C TRP C 109 -3.91 -6.40 7.94
N GLY C 110 -2.78 -6.71 8.57
CA GLY C 110 -2.65 -6.60 10.01
C GLY C 110 -2.46 -5.17 10.47
N THR C 111 -2.40 -5.00 11.79
CA THR C 111 -2.29 -3.66 12.35
C THR C 111 -0.86 -3.13 12.21
N GLY C 112 0.13 -4.01 12.27
CA GLY C 112 1.51 -3.60 12.06
C GLY C 112 2.31 -3.46 13.33
N THR C 113 3.51 -4.02 13.34
CA THR C 113 4.41 -3.92 14.49
C THR C 113 5.52 -2.94 14.14
N THR C 114 5.64 -1.88 14.94
CA THR C 114 6.74 -0.94 14.79
C THR C 114 7.96 -1.54 15.47
N VAL C 115 8.99 -1.86 14.70
CA VAL C 115 10.21 -2.48 15.21
C VAL C 115 11.29 -1.41 15.30
N THR C 116 11.94 -1.35 16.46
CA THR C 116 13.00 -0.38 16.72
C THR C 116 14.25 -1.14 17.12
N VAL C 117 15.37 -0.80 16.48
CA VAL C 117 16.65 -1.42 16.78
C VAL C 117 17.49 -0.37 17.51
N SER C 118 17.72 -0.60 18.80
CA SER C 118 18.53 0.31 19.60
C SER C 118 18.95 -0.41 20.87
N SER C 119 20.05 0.08 21.46
CA SER C 119 20.49 -0.39 22.76
C SER C 119 19.89 0.41 23.91
N ALA C 120 19.16 1.48 23.61
CA ALA C 120 18.51 2.27 24.65
C ALA C 120 17.38 1.47 25.31
N SER C 121 17.10 1.81 26.56
CA SER C 121 16.11 1.08 27.34
C SER C 121 14.71 1.62 27.08
N THR C 122 13.73 0.76 27.35
CA THR C 122 12.34 1.18 27.26
C THR C 122 12.04 2.24 28.31
N LYS C 123 11.35 3.30 27.90
CA LYS C 123 11.03 4.40 28.80
C LYS C 123 9.58 4.82 28.61
N PRO C 124 8.70 4.62 29.60
CA PRO C 124 7.32 5.07 29.46
C PRO C 124 7.26 6.59 29.46
N PRO C 125 6.24 7.17 28.84
CA PRO C 125 6.20 8.62 28.70
C PRO C 125 5.68 9.31 29.95
N SER C 126 6.03 10.58 30.06
CA SER C 126 5.42 11.50 31.02
C SER C 126 4.38 12.32 30.29
N VAL C 127 3.17 12.38 30.83
CA VAL C 127 2.05 13.06 30.20
C VAL C 127 1.74 14.31 31.02
N TYR C 128 1.92 15.47 30.41
CA TYR C 128 1.71 16.75 31.06
C TYR C 128 0.50 17.43 30.44
N PRO C 129 -0.43 17.93 31.23
CA PRO C 129 -1.58 18.64 30.66
C PRO C 129 -1.15 19.96 30.03
N LEU C 130 -1.96 20.42 29.08
CA LEU C 130 -1.77 21.71 28.42
C LEU C 130 -3.09 22.47 28.52
N ALA C 131 -3.15 23.41 29.45
CA ALA C 131 -4.33 24.24 29.64
C ALA C 131 -4.04 25.68 29.22
N PRO C 132 -5.05 26.42 28.77
CA PRO C 132 -4.80 27.81 28.37
C PRO C 132 -4.33 28.70 29.50
N GLY C 133 -4.94 28.58 30.69
CA GLY C 133 -4.53 29.37 31.84
C GLY C 133 -4.72 30.86 31.65
N SER C 134 -5.92 31.36 31.93
CA SER C 134 -6.22 32.78 31.79
C SER C 134 -6.81 33.08 30.42
N ALA C 135 -6.04 32.82 29.37
CA ALA C 135 -6.47 33.09 28.00
C ALA C 135 -7.70 32.26 27.64
N ALA C 136 -8.86 32.90 27.55
CA ALA C 136 -10.09 32.20 27.24
C ALA C 136 -10.74 32.77 25.99
N GLN C 137 -12.00 33.19 26.10
CA GLN C 137 -12.73 33.74 24.97
C GLN C 137 -14.17 34.01 25.36
N THR C 138 -14.73 35.14 24.88
CA THR C 138 -16.09 35.49 25.23
C THR C 138 -17.10 34.52 24.61
N ASN C 139 -16.94 34.23 23.33
CA ASN C 139 -17.82 33.29 22.65
C ASN C 139 -17.05 32.54 21.57
N SER C 140 -15.81 32.17 21.86
CA SER C 140 -14.96 31.49 20.89
C SER C 140 -14.86 30.01 21.20
N MET C 141 -13.75 29.39 20.80
CA MET C 141 -13.49 27.98 21.08
C MET C 141 -12.19 27.85 21.85
N VAL C 142 -12.10 26.83 22.69
CA VAL C 142 -10.96 26.59 23.56
C VAL C 142 -10.19 25.39 23.03
N THR C 143 -8.88 25.55 22.88
CA THR C 143 -8.00 24.48 22.42
C THR C 143 -7.23 23.93 23.60
N LEU C 144 -7.35 22.62 23.83
CA LEU C 144 -6.67 21.93 24.91
C LEU C 144 -5.63 20.98 24.33
N GLY C 145 -4.59 20.72 25.11
CA GLY C 145 -3.43 19.98 24.64
C GLY C 145 -3.03 18.86 25.59
N CYS C 146 -2.05 18.08 25.14
CA CYS C 146 -1.56 16.93 25.88
C CYS C 146 -0.12 16.71 25.42
N LEU C 147 0.83 17.01 26.29
CA LEU C 147 2.25 16.87 25.97
C LEU C 147 2.76 15.52 26.47
N VAL C 148 3.19 14.69 25.54
CA VAL C 148 3.69 13.35 25.83
C VAL C 148 5.17 13.35 25.48
N LYS C 149 6.02 13.45 26.50
CA LYS C 149 7.44 13.70 26.27
C LYS C 149 8.30 12.66 26.97
N GLY C 150 9.47 12.40 26.37
CA GLY C 150 10.51 11.62 27.02
C GLY C 150 10.33 10.12 26.98
N TYR C 151 9.73 9.58 25.92
CA TYR C 151 9.49 8.15 25.85
C TYR C 151 10.32 7.49 24.76
N PHE C 152 10.40 6.17 24.85
CA PHE C 152 11.16 5.37 23.91
C PHE C 152 10.79 3.91 24.10
N PRO C 153 10.59 3.14 23.01
CA PRO C 153 10.56 3.67 21.64
C PRO C 153 9.13 3.93 21.17
N GLU C 154 9.00 4.31 19.90
CA GLU C 154 7.69 4.44 19.27
C GLU C 154 7.00 3.08 19.24
N PRO C 155 5.66 3.06 19.05
CA PRO C 155 4.76 4.20 18.95
C PRO C 155 4.08 4.55 20.28
N VAL C 156 3.26 5.59 20.25
CA VAL C 156 2.40 5.98 21.35
C VAL C 156 1.01 6.21 20.80
N THR C 157 0.00 5.71 21.50
CA THR C 157 -1.39 5.86 21.10
C THR C 157 -2.06 6.90 21.99
N VAL C 158 -2.72 7.88 21.37
CA VAL C 158 -3.36 8.98 22.09
C VAL C 158 -4.81 9.06 21.65
N THR C 159 -5.73 8.89 22.60
CA THR C 159 -7.14 9.14 22.40
C THR C 159 -7.61 10.18 23.40
N TRP C 160 -8.79 10.73 23.15
CA TRP C 160 -9.41 11.69 24.06
C TRP C 160 -10.74 11.13 24.54
N ASN C 161 -10.92 11.09 25.86
CA ASN C 161 -12.11 10.54 26.49
C ASN C 161 -12.37 9.11 26.04
N SER C 162 -11.31 8.31 26.02
CA SER C 162 -11.35 6.91 25.58
C SER C 162 -11.84 6.77 24.14
N GLY C 163 -11.76 7.84 23.36
CA GLY C 163 -12.16 7.82 21.96
C GLY C 163 -13.40 8.63 21.65
N SER C 164 -14.11 9.15 22.66
CA SER C 164 -15.35 9.86 22.41
C SER C 164 -15.13 11.18 21.69
N LEU C 165 -13.94 11.76 21.78
CA LEU C 165 -13.61 13.01 21.08
C LEU C 165 -12.77 12.65 19.86
N SER C 166 -13.42 12.52 18.71
CA SER C 166 -12.76 12.19 17.46
C SER C 166 -12.45 13.43 16.61
N SER C 167 -13.39 14.36 16.51
CA SER C 167 -13.20 15.57 15.73
C SER C 167 -12.46 16.63 16.53
N GLY C 168 -11.90 17.61 15.81
CA GLY C 168 -11.11 18.65 16.45
C GLY C 168 -9.82 18.18 17.09
N VAL C 169 -9.38 16.96 16.79
CA VAL C 169 -8.19 16.38 17.39
C VAL C 169 -7.04 16.47 16.38
N HIS C 170 -5.86 16.82 16.88
CA HIS C 170 -4.65 16.89 16.06
C HIS C 170 -3.52 16.27 16.88
N THR C 171 -3.14 15.05 16.54
CA THR C 171 -2.01 14.37 17.16
C THR C 171 -0.79 14.55 16.28
N PHE C 172 0.28 15.11 16.85
CA PHE C 172 1.39 15.43 15.96
C PHE C 172 2.47 14.36 16.04
N PRO C 173 3.13 14.10 14.92
CA PRO C 173 4.16 13.04 14.89
C PRO C 173 5.27 13.31 15.90
N ALA C 174 5.76 12.23 16.50
CA ALA C 174 6.79 12.35 17.53
C ALA C 174 8.08 12.90 16.93
N VAL C 175 8.84 13.59 17.76
CA VAL C 175 10.14 14.14 17.37
C VAL C 175 11.20 13.50 18.25
N LEU C 176 12.31 13.10 17.63
CA LEU C 176 13.39 12.41 18.33
C LEU C 176 14.41 13.46 18.79
N GLN C 177 14.50 13.66 20.09
CA GLN C 177 15.47 14.57 20.68
C GLN C 177 16.19 13.87 21.82
N SER C 178 17.53 13.86 21.77
CA SER C 178 18.37 13.24 22.80
C SER C 178 18.04 11.76 22.96
N ASP C 179 17.74 11.09 21.84
CA ASP C 179 17.36 9.68 21.80
C ASP C 179 16.06 9.39 22.54
N LEU C 180 15.28 10.41 22.86
CA LEU C 180 13.97 10.27 23.46
C LEU C 180 12.93 10.86 22.52
N TYR C 181 11.71 10.33 22.60
CA TYR C 181 10.61 10.81 21.76
C TYR C 181 9.72 11.74 22.54
N THR C 182 9.22 12.77 21.85
CA THR C 182 8.31 13.74 22.44
C THR C 182 7.14 13.94 21.48
N LEU C 183 5.93 13.93 22.01
CA LEU C 183 4.73 14.02 21.19
C LEU C 183 3.74 14.96 21.87
N SER C 184 2.98 15.67 21.05
CA SER C 184 1.94 16.56 21.54
C SER C 184 0.65 16.29 20.78
N SER C 185 -0.48 16.37 21.50
CA SER C 185 -1.80 16.19 20.91
C SER C 185 -2.66 17.39 21.25
N SER C 186 -3.51 17.79 20.31
CA SER C 186 -4.33 18.98 20.46
C SER C 186 -5.79 18.63 20.21
N VAL C 187 -6.67 19.23 21.01
CA VAL C 187 -8.11 19.10 20.82
C VAL C 187 -8.71 20.50 20.88
N THR C 188 -9.90 20.64 20.27
CA THR C 188 -10.55 21.94 20.15
C THR C 188 -12.04 21.78 20.40
N VAL C 189 -12.55 22.53 21.37
CA VAL C 189 -13.98 22.52 21.71
C VAL C 189 -14.42 23.96 21.92
N PRO C 190 -15.72 24.23 21.77
CA PRO C 190 -16.25 25.54 22.14
C PRO C 190 -16.13 25.79 23.63
N SER C 191 -16.23 27.06 24.01
CA SER C 191 -15.98 27.45 25.39
C SER C 191 -17.04 26.91 26.34
N SER C 192 -18.25 26.64 25.85
CA SER C 192 -19.31 26.11 26.70
C SER C 192 -19.04 24.68 27.15
N THR C 193 -18.07 24.00 26.55
CA THR C 193 -17.76 22.62 26.87
C THR C 193 -16.74 22.52 28.00
N TRP C 194 -15.65 23.28 27.91
CA TRP C 194 -14.58 23.27 28.87
C TRP C 194 -14.49 24.62 29.57
N PRO C 195 -14.21 24.66 30.88
CA PRO C 195 -13.88 23.54 31.76
C PRO C 195 -15.09 22.73 32.22
N SER C 196 -16.28 23.08 31.75
CA SER C 196 -17.51 22.45 32.23
C SER C 196 -17.45 20.93 32.08
N GLU C 197 -17.11 20.46 30.88
CA GLU C 197 -16.99 19.03 30.61
C GLU C 197 -15.53 18.62 30.74
N THR C 198 -15.30 17.50 31.43
CA THR C 198 -13.94 17.03 31.67
C THR C 198 -13.44 16.29 30.44
N VAL C 199 -12.34 16.77 29.86
CA VAL C 199 -11.67 16.11 28.75
C VAL C 199 -10.36 15.54 29.26
N THR C 200 -10.00 14.36 28.76
CA THR C 200 -8.85 13.62 29.23
C THR C 200 -8.19 12.96 28.04
N CYS C 201 -6.87 13.07 27.95
CA CYS C 201 -6.12 12.34 26.94
C CYS C 201 -5.66 11.01 27.52
N ASN C 202 -5.91 9.94 26.79
CA ASN C 202 -5.45 8.60 27.15
C ASN C 202 -4.20 8.31 26.33
N VAL C 203 -3.10 7.99 27.00
CA VAL C 203 -1.83 7.70 26.34
C VAL C 203 -1.47 6.26 26.65
N ALA C 204 -1.30 5.46 25.60
CA ALA C 204 -0.85 4.09 25.72
C ALA C 204 0.52 3.96 25.08
N HIS C 205 1.47 3.42 25.83
CA HIS C 205 2.81 3.15 25.30
C HIS C 205 3.01 1.64 25.24
N PRO C 206 2.75 1.00 24.09
CA PRO C 206 2.77 -0.47 24.08
C PRO C 206 4.13 -1.08 24.38
N ALA C 207 5.21 -0.43 23.93
CA ALA C 207 6.55 -0.93 24.20
C ALA C 207 6.79 -1.20 25.68
N SER C 208 6.26 -0.33 26.54
CA SER C 208 6.33 -0.52 27.99
C SER C 208 5.06 -1.09 28.58
N SER C 209 4.03 -1.35 27.77
CA SER C 209 2.73 -1.80 28.24
C SER C 209 2.21 -0.89 29.36
N THR C 210 2.26 0.41 29.08
CA THR C 210 1.92 1.44 30.05
C THR C 210 0.80 2.29 29.47
N LYS C 211 -0.19 2.59 30.31
CA LYS C 211 -1.30 3.44 29.93
C LYS C 211 -1.48 4.49 31.02
N VAL C 212 -1.75 5.73 30.60
CA VAL C 212 -1.88 6.85 31.52
C VAL C 212 -2.99 7.77 31.00
N ASP C 213 -3.82 8.25 31.93
CA ASP C 213 -4.84 9.25 31.64
C ASP C 213 -4.44 10.56 32.31
N LYS C 214 -4.83 11.67 31.69
CA LYS C 214 -4.50 13.00 32.22
C LYS C 214 -5.67 13.93 31.94
N LYS C 215 -6.47 14.19 32.98
CA LYS C 215 -7.54 15.17 32.86
C LYS C 215 -6.96 16.56 32.68
N ILE C 216 -7.54 17.33 31.76
CA ILE C 216 -7.12 18.70 31.51
C ILE C 216 -7.94 19.61 32.41
N VAL C 217 -7.27 20.28 33.34
CA VAL C 217 -7.94 21.14 34.32
C VAL C 217 -7.44 22.57 34.17
N PRO C 218 -8.26 23.58 34.51
CA PRO C 218 -7.84 25.00 34.53
C PRO C 218 -6.64 25.24 35.44
C ACY D . 6.90 -17.40 -46.16
O ACY D . 6.74 -16.17 -45.99
OXT ACY D . 5.96 -18.19 -46.36
CH3 ACY D . 8.32 -17.95 -46.12
C ACY E . -19.55 -19.34 -20.37
O ACY E . -19.14 -18.38 -21.07
OXT ACY E . -19.48 -20.53 -20.71
CH3 ACY E . -20.16 -19.01 -19.01
C1 EDO F . 3.39 -31.31 -38.24
O1 EDO F . 2.18 -31.25 -38.85
C2 EDO F . 4.61 -31.42 -39.03
O2 EDO F . 5.54 -30.45 -38.60
C1 EDO G . 1.61 -18.87 -45.85
O1 EDO G . 0.72 -17.79 -46.01
C2 EDO G . 2.25 -19.31 -47.11
O2 EDO G . 2.88 -20.58 -47.00
C1 PDO H . -19.12 -8.41 -6.17
O1 PDO H . -20.05 -8.92 -5.28
C2 PDO H . -19.16 -6.93 -6.48
C3 PDO H . -17.82 -6.23 -6.47
O3 PDO H . -17.99 -5.01 -5.80
C ACY I . -12.70 5.28 1.21
O ACY I . -11.93 6.25 1.08
OXT ACY I . -12.35 4.10 1.02
CH3 ACY I . -14.15 5.55 1.60
C ACY J . 10.89 -9.33 -10.03
O ACY J . 10.24 -8.29 -9.78
OXT ACY J . 11.07 -9.78 -11.17
CH3 ACY J . 11.48 -10.12 -8.84
C ACY K . 2.44 5.62 6.85
O ACY K . 2.19 6.20 5.77
OXT ACY K . 1.58 5.13 7.59
CH3 ACY K . 3.91 5.50 7.25
C1 EDO L . -5.68 13.45 -12.97
O1 EDO L . -4.40 13.53 -12.67
C2 EDO L . -5.89 13.51 -14.43
O2 EDO L . -7.22 13.82 -14.71
C MOH M . 1.06 2.57 11.41
O MOH M . 0.50 1.41 10.87
C1 GOL N . -1.96 -22.47 -3.32
C1 GOL N . -2.38 -23.01 -2.85
O1 GOL N . -2.69 -23.11 -2.28
O1 GOL N . -2.32 -22.02 -3.87
C2 GOL N . -0.88 -23.36 -3.88
C2 GOL N . -1.00 -23.48 -2.45
O2 GOL N . -0.32 -22.78 -5.07
O2 GOL N . -1.10 -24.30 -1.28
C3 GOL N . 0.23 -23.64 -2.88
C3 GOL N . -0.31 -24.25 -3.56
O3 GOL N . 1.24 -24.49 -3.42
O3 GOL N . 0.99 -24.69 -3.16
C1 GOL O . -10.56 21.26 37.84
C1 GOL O . -10.80 21.83 38.45
O1 GOL O . -10.81 22.20 38.88
O1 GOL O . -10.52 21.79 37.05
C2 GOL O . -11.59 20.14 37.85
C2 GOL O . -10.76 20.46 39.08
O2 GOL O . -11.45 19.34 36.69
O2 GOL O . -10.81 20.57 40.49
C3 GOL O . -11.50 19.26 39.09
C3 GOL O . -11.88 19.56 38.59
O3 GOL O . -12.48 18.23 39.08
O3 GOL O . -11.82 18.27 39.20
C1 PDO P . 22.99 -7.76 8.45
O1 PDO P . 21.57 -7.71 8.52
C2 PDO P . 23.53 -9.02 9.11
C3 PDO P . 24.47 -8.75 10.27
O3 PDO P . 25.70 -9.42 10.08
C1 PDO Q . -16.89 25.24 16.73
O1 PDO Q . -18.19 24.71 16.66
C2 PDO Q . -16.23 24.98 18.07
C3 PDO Q . -14.80 24.47 17.96
O3 PDO Q . -14.05 25.14 16.99
C1 PDO R . 15.58 -20.84 6.85
O1 PDO R . 14.77 -19.92 6.13
C2 PDO R . 14.75 -21.71 7.78
C3 PDO R . 15.58 -22.47 8.80
O3 PDO R . 16.96 -22.24 8.61
C ACY S . -7.54 -6.01 10.80
O ACY S . -7.06 -7.03 10.27
OXT ACY S . -8.16 -5.14 10.17
CH3 ACY S . -7.35 -5.82 12.31
C ACY T . -16.77 16.65 26.80
O ACY T . -16.03 17.60 27.08
OXT ACY T . -17.09 15.74 27.59
CH3 ACY T . -17.34 16.57 25.37
C1 EDO U . 4.01 8.46 4.16
O1 EDO U . 4.74 7.36 3.57
C2 EDO U . 4.88 9.11 5.24
O2 EDO U . 4.09 10.07 5.95
C1 EDO V . 9.84 5.18 14.36
O1 EDO V . 10.45 6.09 13.47
C2 EDO V . 10.01 3.76 13.95
O2 EDO V . 11.16 3.15 14.50
C MOH W . 17.27 -18.04 6.79
O MOH W . 18.06 -17.59 7.85
#